data_7Z1F
#
_entry.id   7Z1F
#
_cell.length_a   86.001
_cell.length_b   86.001
_cell.length_c   237.735
_cell.angle_alpha   90.000
_cell.angle_beta   90.000
_cell.angle_gamma   120.000
#
_symmetry.space_group_name_H-M   'P 31 2 1'
#
loop_
_entity.id
_entity.type
_entity.pdbx_description
1 polymer 'Glycogen synthase kinase-3 beta'
2 non-polymer '5-[(3-chlorophenyl)amino]benzo[c][2,6]naphthyridine-8-carboxylic acid'
3 non-polymer IMIDAZOLE
4 non-polymer 'YTTRIUM (III) ION'
5 water water
#
_entity_poly.entity_id   1
_entity_poly.type   'polypeptide(L)'
_entity_poly.pdbx_seq_one_letter_code
;MKVSRDKDGSKVTTVVATPGQGPDRPQEVSYTDTKVIGNGSFGVVYQAKLCDSGELVAIKKVLQDKRFKNRELQIMRKLD
HCNIVRLRYFFYSSGEKKDEVYLNLVLDYVPETVYRVARHYSRAKQTLPVIYVKLYMYQLFRSLAYIHSFGICHRDIKPQ
NLLLDPDTAVLKLCDFGSAKQLVRGEPNVS(PTR)ICSRYYRAPELIFGATDYTSSIDVWSAGCVLAELLLGQPIFPGDS
GVDQLVEIIKVLGTPTREQIREMNPNYTEFKFPQIKAHPWTKVFRPRTPPEAIALCSRLLEYTPTARLTPLEACAHSFFD
ELRDPNVKLPNGRDTPALFNFTTQELSSNPPLATILIPPHARENLYFQ
;
_entity_poly.pdbx_strand_id   A,B
#
loop_
_chem_comp.id
_chem_comp.type
_chem_comp.name
_chem_comp.formula
3NG non-polymer '5-[(3-chlorophenyl)amino]benzo[c][2,6]naphthyridine-8-carboxylic acid' 'C19 H12 Cl N3 O2'
IMD non-polymer IMIDAZOLE 'C3 H5 N2 1'
YT3 non-polymer 'YTTRIUM (III) ION' 'Y 3'
#
# COMPACT_ATOMS: atom_id res chain seq x y z
N VAL A 3 -6.35 -25.13 34.89
CA VAL A 3 -7.68 -25.18 35.57
C VAL A 3 -7.90 -26.61 36.08
N SER A 4 -7.43 -27.62 35.34
CA SER A 4 -7.64 -29.02 35.68
C SER A 4 -6.32 -29.77 35.50
N ARG A 5 -5.55 -29.89 36.58
CA ARG A 5 -4.28 -30.63 36.56
C ARG A 5 -4.55 -32.08 36.91
N ASP A 6 -4.46 -32.97 35.91
CA ASP A 6 -4.68 -34.39 36.07
C ASP A 6 -3.33 -35.10 36.27
N LYS A 7 -3.29 -36.41 36.06
CA LYS A 7 -2.07 -37.19 36.24
C LYS A 7 -2.23 -38.52 35.51
N ASP A 8 -1.90 -38.52 34.21
CA ASP A 8 -1.87 -39.75 33.42
C ASP A 8 -0.44 -40.17 33.15
N GLY A 9 0.34 -39.36 32.41
CA GLY A 9 1.78 -39.58 32.35
C GLY A 9 2.47 -39.23 33.66
N SER A 10 2.20 -38.03 34.17
CA SER A 10 2.67 -37.60 35.49
C SER A 10 1.93 -36.34 35.90
N LYS A 11 1.78 -35.40 34.95
CA LYS A 11 1.07 -34.15 35.23
C LYS A 11 0.56 -33.61 33.90
N VAL A 12 -0.74 -33.74 33.68
CA VAL A 12 -1.37 -33.21 32.43
C VAL A 12 -2.28 -32.05 32.78
N THR A 13 -2.06 -30.88 32.17
CA THR A 13 -2.98 -29.74 32.38
C THR A 13 -3.94 -29.69 31.20
N THR A 14 -5.24 -29.73 31.48
CA THR A 14 -6.26 -29.68 30.41
C THR A 14 -7.00 -28.35 30.53
N VAL A 15 -6.98 -27.54 29.48
CA VAL A 15 -7.59 -26.20 29.59
C VAL A 15 -8.51 -25.96 28.40
N VAL A 16 -9.60 -25.22 28.59
CA VAL A 16 -10.44 -24.86 27.43
C VAL A 16 -9.78 -23.65 26.80
N ALA A 17 -8.87 -23.88 25.86
CA ALA A 17 -8.13 -22.77 25.27
C ALA A 17 -8.72 -22.38 23.93
N THR A 18 -9.07 -21.10 23.79
CA THR A 18 -9.55 -20.57 22.51
C THR A 18 -8.41 -20.61 21.50
N PRO A 19 -8.70 -21.08 20.25
CA PRO A 19 -7.72 -21.07 19.18
C PRO A 19 -7.49 -19.64 18.72
N GLY A 20 -6.24 -19.27 18.49
CA GLY A 20 -5.94 -17.89 18.08
C GLY A 20 -6.40 -17.62 16.66
N GLN A 21 -5.70 -18.18 15.69
CA GLN A 21 -6.05 -17.92 14.27
C GLN A 21 -7.32 -18.69 13.91
N GLY A 22 -8.42 -17.98 13.68
CA GLY A 22 -9.64 -18.68 13.22
C GLY A 22 -10.87 -18.37 14.06
N PRO A 23 -11.92 -19.20 13.97
CA PRO A 23 -13.17 -18.94 14.68
C PRO A 23 -13.01 -19.00 16.21
N ASP A 24 -13.81 -18.21 16.93
CA ASP A 24 -13.79 -18.28 18.41
C ASP A 24 -14.53 -19.55 18.83
N ARG A 25 -13.96 -20.73 18.53
CA ARG A 25 -14.57 -21.99 18.95
C ARG A 25 -13.74 -22.57 20.09
N PRO A 26 -13.97 -22.14 21.35
CA PRO A 26 -13.16 -22.65 22.47
C PRO A 26 -13.10 -24.16 22.53
N GLN A 27 -11.87 -24.67 22.62
CA GLN A 27 -11.63 -26.10 22.62
C GLN A 27 -10.83 -26.49 23.86
N GLU A 28 -10.92 -27.76 24.21
CA GLU A 28 -10.16 -28.32 25.32
C GLU A 28 -8.81 -28.80 24.80
N VAL A 29 -7.74 -28.31 25.42
CA VAL A 29 -6.37 -28.58 24.99
C VAL A 29 -5.58 -29.12 26.18
N SER A 30 -4.91 -30.26 25.96
CA SER A 30 -4.11 -30.92 26.98
C SER A 30 -2.63 -30.75 26.68
N TYR A 31 -1.85 -30.37 27.69
CA TYR A 31 -0.41 -30.24 27.54
C TYR A 31 0.28 -30.78 28.78
N THR A 32 1.52 -31.23 28.59
CA THR A 32 2.33 -31.84 29.62
C THR A 32 3.76 -31.34 29.49
N ASP A 33 4.67 -31.94 30.26
CA ASP A 33 6.09 -31.59 30.25
C ASP A 33 6.31 -30.11 30.54
N THR A 34 5.45 -29.53 31.36
CA THR A 34 5.48 -28.09 31.58
C THR A 34 6.74 -27.70 32.38
N LYS A 35 7.61 -26.92 31.74
CA LYS A 35 8.84 -26.44 32.36
C LYS A 35 8.99 -24.96 32.08
N VAL A 36 9.68 -24.25 32.98
CA VAL A 36 9.93 -22.83 32.79
C VAL A 36 11.14 -22.65 31.89
N ILE A 37 11.02 -21.77 30.90
CA ILE A 37 12.12 -21.48 29.98
C ILE A 37 12.45 -20.00 29.91
N GLY A 38 11.80 -19.16 30.73
CA GLY A 38 12.09 -17.74 30.72
C GLY A 38 11.36 -16.97 31.80
N ASN A 39 12.03 -15.96 32.36
CA ASN A 39 11.48 -15.14 33.42
C ASN A 39 11.56 -13.66 33.00
N GLY A 40 10.95 -12.81 33.81
CA GLY A 40 11.00 -11.38 33.57
C GLY A 40 9.82 -10.67 34.20
N SER A 41 9.78 -9.35 33.96
CA SER A 41 8.69 -8.50 34.44
C SER A 41 7.40 -8.71 33.65
N PHE A 42 7.51 -9.00 32.35
CA PHE A 42 6.35 -9.35 31.55
C PHE A 42 5.59 -10.52 32.14
N GLY A 43 6.30 -11.48 32.74
CA GLY A 43 5.71 -12.71 33.20
C GLY A 43 6.66 -13.88 33.01
N VAL A 44 6.11 -15.04 32.66
CA VAL A 44 6.88 -16.27 32.53
C VAL A 44 6.52 -16.95 31.21
N VAL A 45 7.52 -17.57 30.59
CA VAL A 45 7.32 -18.39 29.40
C VAL A 45 7.62 -19.83 29.78
N TYR A 46 6.66 -20.72 29.54
CA TYR A 46 6.83 -22.15 29.77
C TYR A 46 7.00 -22.89 28.45
N GLN A 47 7.61 -24.07 28.54
CA GLN A 47 7.59 -25.04 27.46
C GLN A 47 6.65 -26.17 27.81
N ALA A 48 6.08 -26.79 26.78
CA ALA A 48 5.13 -27.87 27.01
C ALA A 48 5.00 -28.71 25.75
N LYS A 49 4.41 -29.90 25.92
CA LYS A 49 4.12 -30.80 24.82
C LYS A 49 2.63 -31.07 24.81
N LEU A 50 1.97 -30.78 23.68
CA LEU A 50 0.56 -31.08 23.55
C LEU A 50 0.33 -32.59 23.59
N CYS A 51 -0.72 -33.00 24.29
CA CYS A 51 -1.01 -34.42 24.44
C CYS A 51 -1.56 -35.02 23.16
N ASP A 52 -2.39 -34.27 22.43
CA ASP A 52 -2.99 -34.79 21.21
C ASP A 52 -1.94 -34.98 20.12
N SER A 53 -1.26 -33.90 19.74
CA SER A 53 -0.36 -33.92 18.60
C SER A 53 1.07 -34.28 18.97
N GLY A 54 1.44 -34.20 20.24
CA GLY A 54 2.82 -34.41 20.66
C GLY A 54 3.76 -33.27 20.28
N GLU A 55 3.29 -32.28 19.53
CA GLU A 55 4.13 -31.16 19.13
C GLU A 55 4.55 -30.36 20.36
N LEU A 56 5.65 -29.63 20.22
CA LEU A 56 6.15 -28.78 21.29
C LEU A 56 5.60 -27.37 21.13
N VAL A 57 5.31 -26.73 22.27
CA VAL A 57 4.75 -25.39 22.27
C VAL A 57 5.40 -24.58 23.39
N ALA A 58 5.29 -23.26 23.26
CA ALA A 58 5.71 -22.33 24.30
C ALA A 58 4.50 -21.54 24.75
N ILE A 59 4.32 -21.43 26.07
CA ILE A 59 3.19 -20.72 26.65
C ILE A 59 3.72 -19.48 27.36
N LYS A 60 3.29 -18.31 26.89
CA LYS A 60 3.66 -17.03 27.48
C LYS A 60 2.53 -16.57 28.39
N LYS A 61 2.82 -16.41 29.68
CA LYS A 61 1.81 -16.11 30.69
C LYS A 61 2.01 -14.69 31.18
N VAL A 62 1.00 -13.85 30.98
CA VAL A 62 1.05 -12.45 31.38
C VAL A 62 -0.24 -12.08 32.10
N LEU A 63 -0.18 -11.00 32.88
CA LEU A 63 -1.34 -10.50 33.59
C LEU A 63 -2.11 -9.51 32.72
N GLN A 64 -3.43 -9.50 32.90
CA GLN A 64 -4.30 -8.62 32.13
C GLN A 64 -5.35 -8.01 33.07
N ASP A 65 -5.98 -6.94 32.59
CA ASP A 65 -6.97 -6.22 33.38
C ASP A 65 -8.10 -5.74 32.48
N LYS A 66 -9.33 -5.87 32.98
CA LYS A 66 -10.52 -5.41 32.29
C LYS A 66 -10.64 -6.00 30.88
N LYS A 69 -8.93 -5.62 27.20
CA LYS A 69 -8.34 -5.74 25.87
C LYS A 69 -6.81 -5.71 25.94
N ASN A 70 -6.18 -6.74 25.39
CA ASN A 70 -4.72 -6.85 25.35
C ASN A 70 -4.26 -6.66 23.91
N ARG A 71 -3.32 -5.74 23.70
CA ARG A 71 -2.88 -5.44 22.34
C ARG A 71 -2.12 -6.61 21.73
N GLU A 72 -1.26 -7.25 22.51
CA GLU A 72 -0.46 -8.36 21.98
C GLU A 72 -1.34 -9.48 21.45
N LEU A 73 -2.40 -9.82 22.19
CA LEU A 73 -3.32 -10.87 21.74
C LEU A 73 -4.01 -10.46 20.45
N GLN A 74 -4.57 -9.23 20.41
CA GLN A 74 -5.28 -8.77 19.23
C GLN A 74 -4.37 -8.75 18.00
N ILE A 75 -3.07 -8.53 18.19
CA ILE A 75 -2.15 -8.54 17.07
C ILE A 75 -1.77 -9.96 16.68
N MET A 76 -1.41 -10.79 17.67
CA MET A 76 -1.08 -12.18 17.40
C MET A 76 -2.24 -12.93 16.75
N ARG A 77 -3.47 -12.55 17.09
CA ARG A 77 -4.64 -13.22 16.51
C ARG A 77 -4.80 -12.87 15.04
N LYS A 78 -4.36 -11.69 14.62
CA LYS A 78 -4.61 -11.26 13.25
C LYS A 78 -3.51 -11.73 12.30
N LEU A 79 -2.31 -11.97 12.79
CA LEU A 79 -1.16 -12.25 11.95
C LEU A 79 -1.07 -13.74 11.63
N ASP A 80 -0.73 -14.05 10.39
CA ASP A 80 -0.51 -15.44 9.96
C ASP A 80 0.56 -15.39 8.87
N HIS A 81 1.78 -15.76 9.22
CA HIS A 81 2.90 -15.69 8.30
C HIS A 81 3.94 -16.74 8.69
N CYS A 82 4.59 -17.32 7.67
CA CYS A 82 5.52 -18.42 7.91
C CYS A 82 6.73 -17.97 8.72
N ASN A 83 7.09 -16.69 8.66
CA ASN A 83 8.24 -16.15 9.37
C ASN A 83 7.85 -15.42 10.65
N ILE A 84 6.64 -15.69 11.15
CA ILE A 84 6.16 -15.13 12.42
C ILE A 84 5.69 -16.28 13.28
N VAL A 85 6.06 -16.26 14.56
CA VAL A 85 5.60 -17.29 15.49
C VAL A 85 4.08 -17.30 15.52
N ARG A 86 3.51 -18.50 15.54
CA ARG A 86 2.07 -18.69 15.40
C ARG A 86 1.43 -18.84 16.78
N LEU A 87 0.34 -18.11 16.99
CA LEU A 87 -0.46 -18.23 18.21
C LEU A 87 -1.42 -19.38 18.04
N ARG A 88 -1.04 -20.56 18.53
CA ARG A 88 -1.87 -21.74 18.36
C ARG A 88 -3.17 -21.62 19.14
N TYR A 89 -3.07 -21.36 20.45
CA TYR A 89 -4.24 -21.15 21.28
C TYR A 89 -3.93 -20.07 22.32
N PHE A 90 -4.98 -19.54 22.93
CA PHE A 90 -4.82 -18.67 24.09
C PHE A 90 -5.93 -18.99 25.09
N PHE A 91 -5.62 -18.76 26.37
CA PHE A 91 -6.58 -19.03 27.44
C PHE A 91 -6.20 -18.22 28.66
N TYR A 92 -7.14 -18.07 29.57
CA TYR A 92 -6.99 -17.27 30.78
C TYR A 92 -6.90 -18.19 31.99
N SER A 93 -5.81 -18.08 32.73
CA SER A 93 -5.59 -18.87 33.94
C SER A 93 -5.35 -17.95 35.12
N SER A 94 -5.03 -18.54 36.26
CA SER A 94 -4.62 -17.82 37.46
C SER A 94 -3.19 -18.22 37.82
N GLY A 95 -2.68 -17.65 38.91
CA GLY A 95 -1.34 -18.02 39.33
C GLY A 95 -0.67 -17.11 40.34
N GLU A 96 0.47 -16.53 39.95
CA GLU A 96 1.41 -15.97 40.92
C GLU A 96 0.74 -14.94 41.83
N LYS A 97 -0.31 -14.28 41.36
CA LYS A 97 -1.03 -13.29 42.16
C LYS A 97 -2.50 -13.68 42.24
N LYS A 98 -2.92 -14.15 43.43
CA LYS A 98 -4.33 -14.38 43.66
C LYS A 98 -5.10 -13.07 43.50
N ASP A 99 -6.35 -13.20 43.07
CA ASP A 99 -7.29 -12.13 42.71
C ASP A 99 -7.02 -11.62 41.28
N GLU A 100 -5.92 -12.01 40.64
CA GLU A 100 -5.56 -11.52 39.31
C GLU A 100 -5.72 -12.61 38.27
N VAL A 101 -5.96 -12.18 37.03
CA VAL A 101 -6.12 -13.09 35.89
C VAL A 101 -4.83 -13.09 35.08
N TYR A 102 -4.60 -14.18 34.36
CA TYR A 102 -3.40 -14.34 33.54
C TYR A 102 -3.77 -14.78 32.14
N LEU A 103 -3.32 -14.02 31.14
CA LEU A 103 -3.46 -14.43 29.75
C LEU A 103 -2.33 -15.37 29.37
N ASN A 104 -2.67 -16.55 28.89
CA ASN A 104 -1.70 -17.53 28.43
C ASN A 104 -1.76 -17.62 26.91
N LEU A 105 -0.60 -17.49 26.26
CA LEU A 105 -0.52 -17.54 24.81
C LEU A 105 0.28 -18.77 24.42
N VAL A 106 -0.38 -19.75 23.81
CA VAL A 106 0.30 -20.95 23.31
C VAL A 106 0.83 -20.63 21.93
N LEU A 107 2.13 -20.82 21.72
CA LEU A 107 2.80 -20.43 20.50
C LEU A 107 3.69 -21.55 19.98
N ASP A 108 4.13 -21.38 18.73
CA ASP A 108 5.09 -22.29 18.13
C ASP A 108 6.34 -22.39 18.99
N TYR A 109 6.88 -23.59 19.12
CA TYR A 109 8.15 -23.80 19.80
C TYR A 109 9.25 -23.87 18.74
N VAL A 110 10.25 -22.99 18.89
CA VAL A 110 11.41 -22.96 18.01
C VAL A 110 12.64 -23.16 18.89
N PRO A 111 13.59 -24.03 18.53
CA PRO A 111 14.63 -24.43 19.48
C PRO A 111 15.73 -23.40 19.72
N GLU A 112 16.06 -22.58 18.72
CA GLU A 112 17.20 -21.68 18.83
C GLU A 112 16.81 -20.28 18.36
N THR A 113 17.74 -19.34 18.54
CA THR A 113 17.55 -17.93 18.12
C THR A 113 18.79 -17.48 17.35
N VAL A 114 18.66 -16.44 16.53
CA VAL A 114 19.80 -15.87 15.82
C VAL A 114 20.88 -15.41 16.79
N TYR A 115 20.46 -14.88 17.94
CA TYR A 115 21.43 -14.42 18.94
C TYR A 115 22.35 -15.56 19.38
N ARG A 116 21.77 -16.71 19.74
CA ARG A 116 22.58 -17.81 20.23
C ARG A 116 23.46 -18.39 19.12
N VAL A 117 22.93 -18.47 17.90
CA VAL A 117 23.72 -18.99 16.79
C VAL A 117 24.89 -18.06 16.47
N ALA A 118 24.66 -16.75 16.53
CA ALA A 118 25.72 -15.80 16.28
C ALA A 118 26.74 -15.76 17.42
N ARG A 119 26.26 -15.91 18.66
CA ARG A 119 27.17 -15.93 19.80
C ARG A 119 28.12 -17.11 19.74
N HIS A 120 27.68 -18.23 19.18
CA HIS A 120 28.56 -19.39 18.99
C HIS A 120 29.74 -19.03 18.11
N TYR A 121 29.47 -18.43 16.95
CA TYR A 121 30.55 -18.05 16.03
C TYR A 121 31.41 -16.95 16.63
N SER A 122 30.79 -16.03 17.37
CA SER A 122 31.53 -14.91 17.95
C SER A 122 32.52 -15.40 19.01
N ARG A 123 32.10 -16.36 19.85
CA ARG A 123 33.00 -16.89 20.87
C ARG A 123 34.20 -17.57 20.25
N ALA A 124 33.99 -18.32 19.17
CA ALA A 124 35.08 -18.97 18.44
C ALA A 124 35.86 -18.00 17.57
N LYS A 125 35.59 -16.71 17.66
CA LYS A 125 36.24 -15.67 16.86
C LYS A 125 36.05 -15.90 15.36
N GLN A 126 35.03 -16.66 14.99
CA GLN A 126 34.71 -16.93 13.60
C GLN A 126 33.48 -16.14 13.18
N THR A 127 33.37 -15.88 11.88
CA THR A 127 32.25 -15.13 11.33
C THR A 127 31.20 -16.08 10.78
N LEU A 128 29.93 -15.71 10.93
CA LEU A 128 28.82 -16.55 10.44
C LEU A 128 28.88 -16.56 8.92
N PRO A 129 28.82 -17.73 8.27
CA PRO A 129 28.80 -17.78 6.80
C PRO A 129 27.67 -16.95 6.24
N VAL A 130 27.96 -16.26 5.14
CA VAL A 130 27.05 -15.25 4.61
C VAL A 130 25.71 -15.86 4.19
N ILE A 131 25.72 -17.14 3.78
CA ILE A 131 24.47 -17.78 3.39
C ILE A 131 23.49 -17.82 4.55
N TYR A 132 24.00 -17.93 5.79
CA TYR A 132 23.14 -17.81 6.95
C TYR A 132 22.66 -16.38 7.15
N VAL A 133 23.57 -15.41 6.95
CA VAL A 133 23.19 -14.01 7.09
C VAL A 133 22.13 -13.63 6.05
N LYS A 134 22.29 -14.11 4.82
CA LYS A 134 21.30 -13.85 3.78
C LYS A 134 19.96 -14.45 4.15
N LEU A 135 19.96 -15.71 4.62
CA LEU A 135 18.71 -16.39 4.94
C LEU A 135 18.00 -15.70 6.10
N TYR A 136 18.70 -15.48 7.21
CA TYR A 136 18.06 -14.90 8.39
C TYR A 136 17.55 -13.50 8.11
N MET A 137 18.34 -12.70 7.40
CA MET A 137 17.93 -11.32 7.09
C MET A 137 16.73 -11.30 6.15
N TYR A 138 16.79 -12.08 5.08
CA TYR A 138 15.70 -12.14 4.11
C TYR A 138 14.39 -12.50 4.78
N GLN A 139 14.41 -13.50 5.66
CA GLN A 139 13.18 -13.92 6.33
C GLN A 139 12.68 -12.84 7.29
N LEU A 140 13.60 -12.18 7.99
CA LEU A 140 13.20 -11.09 8.87
C LEU A 140 12.51 -9.98 8.08
N PHE A 141 13.00 -9.69 6.88
CA PHE A 141 12.39 -8.63 6.08
C PHE A 141 11.01 -9.03 5.56
N ARG A 142 10.82 -10.31 5.23
CA ARG A 142 9.50 -10.78 4.84
C ARG A 142 8.51 -10.64 5.99
N SER A 143 8.91 -11.02 7.19
CA SER A 143 8.04 -10.84 8.36
C SER A 143 7.77 -9.36 8.62
N LEU A 144 8.77 -8.50 8.37
CA LEU A 144 8.56 -7.07 8.53
C LEU A 144 7.62 -6.52 7.46
N ALA A 145 7.79 -6.95 6.22
CA ALA A 145 6.91 -6.50 5.14
C ALA A 145 5.47 -6.92 5.41
N TYR A 146 5.28 -8.10 6.01
CA TYR A 146 3.93 -8.57 6.31
C TYR A 146 3.27 -7.72 7.37
N ILE A 147 3.93 -7.56 8.52
CA ILE A 147 3.32 -6.82 9.63
C ILE A 147 3.17 -5.34 9.31
N HIS A 148 4.07 -4.79 8.49
CA HIS A 148 3.95 -3.38 8.13
C HIS A 148 2.82 -3.13 7.15
N SER A 149 2.45 -4.14 6.36
CA SER A 149 1.31 -4.04 5.47
C SER A 149 0.01 -3.80 6.24
N PHE A 150 -0.05 -4.17 7.51
CA PHE A 150 -1.18 -3.88 8.37
C PHE A 150 -0.95 -2.65 9.24
N GLY A 151 0.14 -1.93 9.01
CA GLY A 151 0.48 -0.79 9.84
C GLY A 151 1.02 -1.13 11.21
N ILE A 152 1.29 -2.41 11.49
CA ILE A 152 1.78 -2.82 12.80
C ILE A 152 3.29 -2.64 12.84
N CYS A 153 3.77 -1.94 13.85
CA CYS A 153 5.20 -1.75 14.08
C CYS A 153 5.64 -2.62 15.24
N HIS A 154 6.70 -3.41 15.03
CA HIS A 154 7.12 -4.38 16.04
C HIS A 154 7.72 -3.69 17.25
N ARG A 155 8.64 -2.76 17.02
CA ARG A 155 9.19 -1.87 18.05
C ARG A 155 10.07 -2.61 19.06
N ASP A 156 10.56 -3.79 18.71
CA ASP A 156 11.53 -4.51 19.60
C ASP A 156 12.27 -5.53 18.76
N ILE A 157 12.80 -5.11 17.61
CA ILE A 157 13.53 -6.01 16.73
C ILE A 157 14.96 -6.15 17.26
N LYS A 158 15.31 -7.35 17.69
CA LYS A 158 16.62 -7.66 18.24
C LYS A 158 16.93 -9.12 17.89
N PRO A 159 18.20 -9.52 17.95
CA PRO A 159 18.53 -10.92 17.65
C PRO A 159 17.89 -11.91 18.61
N GLN A 160 17.61 -11.49 19.85
CA GLN A 160 16.97 -12.39 20.81
C GLN A 160 15.51 -12.68 20.48
N ASN A 161 14.91 -11.92 19.55
CA ASN A 161 13.53 -12.12 19.15
C ASN A 161 13.42 -12.74 17.75
N LEU A 162 14.50 -13.34 17.27
CA LEU A 162 14.52 -14.01 15.97
C LEU A 162 14.66 -15.51 16.22
N LEU A 163 13.54 -16.15 16.53
CA LEU A 163 13.53 -17.60 16.77
C LEU A 163 14.13 -18.26 15.53
N LEU A 164 14.79 -19.40 15.69
CA LEU A 164 15.46 -20.06 14.58
C LEU A 164 15.49 -21.56 14.77
N ASP A 165 15.20 -22.30 13.69
CA ASP A 165 15.38 -23.73 13.64
C ASP A 165 16.70 -24.01 12.91
N PRO A 166 17.76 -24.42 13.60
CA PRO A 166 19.06 -24.54 12.94
C PRO A 166 19.11 -25.65 11.89
N ASP A 167 18.15 -26.57 11.88
CA ASP A 167 18.15 -27.64 10.90
C ASP A 167 17.43 -27.23 9.62
N THR A 168 16.26 -26.60 9.74
CA THR A 168 15.48 -26.16 8.59
C THR A 168 15.84 -24.75 8.15
N ALA A 169 16.60 -24.00 8.96
CA ALA A 169 16.99 -22.63 8.67
C ALA A 169 15.80 -21.68 8.60
N VAL A 170 14.68 -22.04 9.22
CA VAL A 170 13.48 -21.21 9.22
C VAL A 170 13.56 -20.23 10.39
N LEU A 171 13.25 -18.98 10.13
CA LEU A 171 13.27 -17.91 11.12
C LEU A 171 11.84 -17.49 11.45
N LYS A 172 11.55 -17.36 12.74
CA LYS A 172 10.26 -16.89 13.22
C LYS A 172 10.46 -15.65 14.08
N LEU A 173 9.84 -14.54 13.67
CA LEU A 173 9.82 -13.34 14.50
C LEU A 173 8.83 -13.53 15.63
N CYS A 174 9.22 -13.08 16.83
CA CYS A 174 8.41 -13.32 18.03
C CYS A 174 8.42 -12.08 18.90
N ASP A 175 7.88 -12.17 20.11
CA ASP A 175 7.81 -11.02 21.07
C ASP A 175 7.08 -9.83 20.48
N PHE A 176 5.79 -9.98 20.23
CA PHE A 176 4.98 -8.85 19.78
C PHE A 176 4.36 -8.07 20.94
N GLY A 177 4.97 -8.15 22.13
CA GLY A 177 4.40 -7.48 23.29
C GLY A 177 4.50 -5.97 23.23
N SER A 178 5.57 -5.44 22.64
CA SER A 178 5.75 -4.00 22.49
C SER A 178 5.22 -3.49 21.16
N ALA A 179 4.59 -4.34 20.37
CA ALA A 179 4.10 -3.94 19.05
C ALA A 179 2.86 -3.06 19.20
N LYS A 180 2.56 -2.32 18.14
CA LYS A 180 1.45 -1.38 18.14
C LYS A 180 1.12 -0.99 16.70
N GLN A 181 -0.17 -0.79 16.45
CA GLN A 181 -0.61 -0.21 15.19
C GLN A 181 -0.34 1.29 15.19
N LEU A 182 0.38 1.76 14.18
CA LEU A 182 0.77 3.16 14.07
C LEU A 182 -0.16 3.87 13.10
N VAL A 183 -0.90 4.86 13.59
CA VAL A 183 -1.77 5.67 12.76
C VAL A 183 -1.11 7.04 12.56
N ARG A 184 -1.46 7.69 11.44
CA ARG A 184 -0.71 8.86 10.98
C ARG A 184 -0.69 9.98 12.02
N GLY A 185 -1.81 10.21 12.69
CA GLY A 185 -1.93 11.34 13.57
C GLY A 185 -1.50 11.11 15.01
N GLU A 186 -1.90 9.97 15.58
CA GLU A 186 -1.69 9.74 17.00
C GLU A 186 -0.20 9.65 17.33
N PRO A 187 0.24 10.29 18.41
CA PRO A 187 1.65 10.18 18.82
C PRO A 187 1.92 8.84 19.48
N ASN A 188 3.22 8.52 19.57
CA ASN A 188 3.66 7.28 20.17
C ASN A 188 4.89 7.53 21.03
N VAL A 189 5.08 6.68 22.05
CA VAL A 189 6.19 6.86 22.98
C VAL A 189 7.51 6.69 22.25
N SER A 190 8.53 7.43 22.70
CA SER A 190 9.82 7.46 22.02
C SER A 190 10.85 6.52 22.63
N PTR A 191 10.70 6.20 23.91
CA PTR A 191 11.60 5.28 24.57
C PTR A 191 11.06 3.85 24.43
O PTR A 191 10.44 3.32 25.35
CB PTR A 191 11.77 5.65 26.05
CG PTR A 191 13.04 5.12 26.68
CD1 PTR A 191 14.28 5.59 26.29
CD2 PTR A 191 12.99 4.17 27.70
CE1 PTR A 191 15.44 5.13 26.87
CE2 PTR A 191 14.15 3.70 28.29
CZ PTR A 191 15.37 4.18 27.87
OH PTR A 191 16.47 3.74 28.41
P PTR A 191 17.18 2.39 27.91
O1P PTR A 191 16.20 1.54 27.09
O2P PTR A 191 18.35 2.77 27.07
O3P PTR A 191 17.68 1.59 29.12
N ILE A 192 11.24 3.24 23.26
CA ILE A 192 10.55 1.95 22.98
C ILE A 192 11.48 0.79 22.65
N CYS A 193 12.35 0.91 21.65
CA CYS A 193 13.09 -0.25 21.18
C CYS A 193 14.19 -0.63 22.18
N SER A 194 14.85 -1.76 21.92
CA SER A 194 16.06 -2.11 22.66
C SER A 194 17.19 -1.18 22.24
N ARG A 195 17.92 -0.65 23.22
CA ARG A 195 18.82 0.48 22.98
C ARG A 195 19.79 0.20 21.84
N TYR A 196 20.43 -0.97 21.84
CA TYR A 196 21.39 -1.32 20.79
C TYR A 196 20.79 -1.20 19.39
N TYR A 197 19.46 -1.26 19.29
CA TYR A 197 18.78 -1.27 18.00
C TYR A 197 17.76 -0.15 17.91
N ARG A 198 17.86 0.85 18.79
CA ARG A 198 16.96 1.99 18.76
C ARG A 198 17.31 2.91 17.60
N ALA A 199 16.28 3.42 16.93
CA ALA A 199 16.46 4.33 15.81
C ALA A 199 16.85 5.73 16.30
N PRO A 200 17.61 6.48 15.49
CA PRO A 200 18.04 7.81 15.95
C PRO A 200 16.90 8.78 16.20
N GLU A 201 15.85 8.73 15.36
CA GLU A 201 14.70 9.60 15.59
C GLU A 201 14.03 9.31 16.93
N LEU A 202 14.18 8.09 17.44
CA LEU A 202 13.66 7.79 18.76
C LEU A 202 14.50 8.43 19.85
N ILE A 203 15.82 8.50 19.64
CA ILE A 203 16.69 9.21 20.58
C ILE A 203 16.40 10.71 20.54
N PHE A 204 16.19 11.26 19.34
CA PHE A 204 15.81 12.66 19.14
C PHE A 204 14.39 12.96 19.62
N GLY A 205 13.72 12.00 20.27
CA GLY A 205 12.44 12.27 20.90
C GLY A 205 11.26 12.36 19.99
N ALA A 206 11.36 11.84 18.77
CA ALA A 206 10.25 11.92 17.82
C ALA A 206 9.09 11.04 18.27
N THR A 207 7.89 11.61 18.28
CA THR A 207 6.67 10.87 18.59
C THR A 207 5.82 10.58 17.36
N ASP A 208 6.21 11.13 16.19
CA ASP A 208 5.50 10.91 14.94
C ASP A 208 6.20 9.88 14.06
N TYR A 209 6.97 8.98 14.65
CA TYR A 209 7.78 8.05 13.88
C TYR A 209 6.90 7.03 13.16
N THR A 210 7.49 6.33 12.22
CA THR A 210 6.80 5.35 11.39
C THR A 210 7.39 3.95 11.63
N SER A 211 7.05 3.01 10.75
CA SER A 211 7.62 1.68 10.81
C SER A 211 9.10 1.64 10.44
N SER A 212 9.66 2.75 9.95
CA SER A 212 11.08 2.79 9.61
C SER A 212 11.98 2.46 10.79
N ILE A 213 11.44 2.58 12.00
CA ILE A 213 12.20 2.27 13.25
C ILE A 213 12.54 0.78 13.23
N ASP A 214 11.67 -0.07 12.66
CA ASP A 214 11.94 -1.50 12.57
C ASP A 214 13.01 -1.79 11.54
N VAL A 215 12.97 -1.09 10.41
CA VAL A 215 13.98 -1.30 9.37
C VAL A 215 15.35 -0.89 9.86
N TRP A 216 15.43 0.17 10.68
CA TRP A 216 16.69 0.54 11.29
C TRP A 216 17.21 -0.58 12.19
N SER A 217 16.35 -1.08 13.06
CA SER A 217 16.69 -2.17 13.99
C SER A 217 17.22 -3.36 13.18
N ALA A 218 16.61 -3.68 12.03
CA ALA A 218 17.06 -4.79 11.19
C ALA A 218 18.45 -4.53 10.64
N GLY A 219 18.70 -3.30 10.17
CA GLY A 219 20.05 -2.97 9.71
C GLY A 219 21.09 -3.12 10.79
N CYS A 220 20.72 -2.80 12.05
CA CYS A 220 21.61 -3.04 13.16
C CYS A 220 21.88 -4.54 13.34
N VAL A 221 20.91 -5.39 13.03
CA VAL A 221 21.07 -6.87 13.16
C VAL A 221 21.89 -7.38 11.98
N LEU A 222 21.76 -6.77 10.80
CA LEU A 222 22.58 -7.14 9.62
C LEU A 222 24.02 -6.82 9.94
N ALA A 223 24.29 -5.61 10.41
CA ALA A 223 25.66 -5.23 10.75
C ALA A 223 26.22 -6.11 11.86
N GLU A 224 25.39 -6.42 12.86
CA GLU A 224 25.84 -7.27 13.96
C GLU A 224 26.22 -8.66 13.48
N LEU A 225 25.52 -9.18 12.46
CA LEU A 225 25.84 -10.48 11.91
C LEU A 225 27.08 -10.44 11.02
N LEU A 226 27.39 -9.28 10.44
CA LEU A 226 28.57 -9.14 9.60
C LEU A 226 29.81 -8.76 10.40
N LEU A 227 29.63 -8.11 11.56
CA LEU A 227 30.74 -7.62 12.36
C LEU A 227 31.18 -8.62 13.42
N GLY A 228 30.24 -9.38 13.98
CA GLY A 228 30.50 -10.22 15.12
C GLY A 228 30.16 -9.58 16.45
N GLN A 229 29.66 -8.34 16.43
CA GLN A 229 29.31 -7.61 17.63
C GLN A 229 28.34 -6.50 17.24
N PRO A 230 27.56 -5.98 18.18
CA PRO A 230 26.66 -4.86 17.87
C PRO A 230 27.42 -3.68 17.29
N ILE A 231 26.84 -3.08 16.24
CA ILE A 231 27.52 -1.95 15.60
C ILE A 231 27.41 -0.69 16.44
N PHE A 232 26.30 -0.51 17.18
CA PHE A 232 26.09 0.67 18.03
C PHE A 232 25.87 0.19 19.46
N PRO A 233 26.93 -0.20 20.18
CA PRO A 233 26.76 -0.61 21.58
C PRO A 233 26.76 0.58 22.53
N GLY A 234 25.59 1.16 22.76
CA GLY A 234 25.50 2.37 23.56
C GLY A 234 25.47 2.06 25.04
N ASP A 235 26.25 2.81 25.82
CA ASP A 235 26.25 2.61 27.30
C ASP A 235 24.89 3.05 27.84
N SER A 236 24.31 4.09 27.25
CA SER A 236 23.02 4.62 27.71
C SER A 236 22.35 5.31 26.54
N GLY A 237 21.26 6.04 26.82
CA GLY A 237 20.54 6.71 25.76
C GLY A 237 21.36 7.76 25.05
N VAL A 238 22.22 8.48 25.78
CA VAL A 238 23.07 9.49 25.17
C VAL A 238 24.22 8.84 24.41
N ASP A 239 24.82 7.78 24.98
CA ASP A 239 25.92 7.09 24.26
C ASP A 239 25.37 6.53 22.95
N GLN A 240 24.15 6.00 22.98
CA GLN A 240 23.60 5.39 21.77
C GLN A 240 23.71 6.32 20.57
N LEU A 241 23.35 7.59 20.76
CA LEU A 241 23.50 8.55 19.68
C LEU A 241 24.97 8.78 19.34
N VAL A 242 25.83 8.83 20.37
CA VAL A 242 27.27 8.96 20.14
C VAL A 242 27.77 7.81 19.28
N GLU A 243 27.29 6.60 19.57
CA GLU A 243 27.75 5.40 18.83
C GLU A 243 27.36 5.54 17.36
N ILE A 244 26.19 6.13 17.07
CA ILE A 244 25.74 6.29 15.69
C ILE A 244 26.57 7.35 14.98
N ILE A 245 27.03 8.36 15.69
CA ILE A 245 27.80 9.48 15.08
C ILE A 245 29.20 8.96 14.73
N LYS A 246 29.71 7.94 15.43
CA LYS A 246 31.04 7.38 15.13
C LYS A 246 31.08 6.73 13.75
N VAL A 247 29.93 6.25 13.27
CA VAL A 247 29.85 5.55 11.99
C VAL A 247 29.15 6.40 10.94
N LEU A 248 27.98 6.94 11.28
CA LEU A 248 27.17 7.68 10.33
C LEU A 248 27.52 9.16 10.24
N GLY A 249 28.35 9.66 11.14
CA GLY A 249 28.67 11.08 11.17
C GLY A 249 27.58 11.90 11.83
N THR A 250 27.81 13.21 11.86
CA THR A 250 26.84 14.13 12.43
C THR A 250 25.65 14.27 11.49
N PRO A 251 24.43 14.25 12.01
CA PRO A 251 23.26 14.43 11.14
C PRO A 251 23.19 15.84 10.58
N THR A 252 22.68 15.95 9.36
CA THR A 252 22.54 17.25 8.68
C THR A 252 21.29 17.91 9.23
N ARG A 253 21.23 19.22 9.28
CA ARG A 253 20.06 20.01 9.68
C ARG A 253 18.78 19.53 9.02
N GLU A 254 18.86 19.23 7.72
CA GLU A 254 17.74 18.57 7.03
C GLU A 254 17.40 17.24 7.69
N GLN A 255 18.42 16.41 7.94
CA GLN A 255 18.18 15.08 8.50
C GLN A 255 17.55 15.16 9.89
N ILE A 256 17.98 16.14 10.68
CA ILE A 256 17.44 16.32 12.06
C ILE A 256 16.00 16.78 11.92
N ARG A 257 15.66 17.50 10.84
CA ARG A 257 14.28 17.91 10.61
C ARG A 257 13.42 16.72 10.18
N GLU A 258 13.99 15.76 9.46
CA GLU A 258 13.23 14.57 9.07
C GLU A 258 13.05 13.64 10.26
N MET A 259 14.06 13.54 11.13
CA MET A 259 13.97 12.66 12.29
C MET A 259 12.90 13.14 13.26
N ASN A 260 13.03 14.37 13.75
CA ASN A 260 12.05 14.98 14.64
C ASN A 260 11.86 16.43 14.21
N PRO A 261 10.77 16.76 13.50
CA PRO A 261 10.55 18.15 13.11
C PRO A 261 10.34 19.08 14.29
N ASN A 262 9.63 18.62 15.32
CA ASN A 262 9.41 19.43 16.52
C ASN A 262 10.72 19.76 17.23
N TYR A 263 11.79 19.02 16.94
CA TYR A 263 13.06 19.24 17.60
C TYR A 263 13.69 20.54 17.16
N THR A 264 14.23 21.28 18.13
CA THR A 264 14.90 22.57 17.83
C THR A 264 16.28 22.31 17.23
N GLU A 265 16.42 22.51 15.92
CA GLU A 265 17.73 22.29 15.25
C GLU A 265 18.82 23.05 16.01
N PHE A 266 19.95 22.39 16.27
CA PHE A 266 21.10 23.08 16.92
C PHE A 266 22.35 22.82 16.08
N LYS A 267 23.42 23.57 16.33
CA LYS A 267 24.69 23.36 15.59
C LYS A 267 25.50 22.30 16.33
N PHE A 268 25.49 21.06 15.83
CA PHE A 268 26.18 19.99 16.52
C PHE A 268 27.63 19.91 16.06
N PRO A 269 28.53 19.43 16.93
CA PRO A 269 29.92 19.18 16.51
C PRO A 269 29.97 18.28 15.29
N GLN A 270 30.27 18.86 14.13
CA GLN A 270 30.15 18.16 12.85
C GLN A 270 31.26 17.12 12.74
N ILE A 271 30.91 15.85 12.94
CA ILE A 271 31.81 14.72 12.75
C ILE A 271 31.61 14.17 11.35
N LYS A 272 32.69 13.67 10.75
CA LYS A 272 32.65 13.13 9.40
C LYS A 272 32.13 11.69 9.41
N ALA A 273 31.53 11.29 8.30
CA ALA A 273 30.97 9.94 8.16
C ALA A 273 32.09 8.96 7.84
N HIS A 274 32.27 7.99 8.75
CA HIS A 274 33.31 6.95 8.55
C HIS A 274 32.90 6.05 7.39
N PRO A 275 33.68 5.94 6.31
CA PRO A 275 33.29 5.15 5.13
C PRO A 275 32.85 3.73 5.50
N TRP A 276 31.81 3.26 4.81
CA TRP A 276 31.18 1.99 5.18
C TRP A 276 32.11 0.80 4.94
N THR A 277 32.94 0.87 3.91
CA THR A 277 33.81 -0.27 3.61
C THR A 277 34.84 -0.49 4.71
N LYS A 278 35.19 0.57 5.45
CA LYS A 278 36.21 0.45 6.48
C LYS A 278 35.65 0.04 7.84
N VAL A 279 34.33 0.17 8.04
CA VAL A 279 33.68 -0.20 9.33
C VAL A 279 33.60 -1.71 9.43
N PHE A 280 33.57 -2.41 8.29
CA PHE A 280 33.42 -3.86 8.24
C PHE A 280 34.76 -4.51 7.95
N ARG A 281 34.87 -5.78 8.36
CA ARG A 281 36.11 -6.52 8.21
C ARG A 281 36.47 -6.66 6.73
N PRO A 282 37.76 -6.80 6.41
CA PRO A 282 38.16 -6.90 5.00
C PRO A 282 37.50 -8.07 4.30
N ARG A 283 37.21 -7.88 3.02
CA ARG A 283 36.51 -8.86 2.18
C ARG A 283 35.12 -9.19 2.73
N THR A 284 34.49 -8.23 3.39
CA THR A 284 33.06 -8.32 3.65
C THR A 284 32.32 -8.09 2.33
N PRO A 285 31.35 -8.92 1.98
CA PRO A 285 30.69 -8.80 0.67
C PRO A 285 30.21 -7.39 0.41
N PRO A 286 30.66 -6.76 -0.69
CA PRO A 286 30.27 -5.37 -0.97
C PRO A 286 28.76 -5.15 -0.99
N GLU A 287 27.99 -6.13 -1.46
CA GLU A 287 26.54 -5.98 -1.46
C GLU A 287 25.97 -5.99 -0.04
N ALA A 288 26.61 -6.72 0.88
CA ALA A 288 26.18 -6.66 2.28
C ALA A 288 26.41 -5.27 2.85
N ILE A 289 27.53 -4.64 2.50
CA ILE A 289 27.80 -3.29 2.97
C ILE A 289 26.86 -2.29 2.30
N ALA A 290 26.57 -2.48 1.01
CA ALA A 290 25.70 -1.58 0.30
C ALA A 290 24.28 -1.57 0.89
N LEU A 291 23.79 -2.74 1.28
CA LEU A 291 22.47 -2.81 1.90
C LEU A 291 22.46 -2.16 3.27
N CYS A 292 23.49 -2.41 4.08
CA CYS A 292 23.56 -1.82 5.41
C CYS A 292 23.59 -0.29 5.34
N SER A 293 24.26 0.26 4.31
CA SER A 293 24.29 1.70 4.12
C SER A 293 22.91 2.26 3.76
N ARG A 294 22.03 1.44 3.20
CA ARG A 294 20.70 1.88 2.81
C ARG A 294 19.66 1.64 3.89
N LEU A 295 20.01 0.93 4.96
CA LEU A 295 19.12 0.71 6.09
C LEU A 295 19.45 1.58 7.29
N LEU A 296 20.75 1.74 7.59
CA LEU A 296 21.20 2.58 8.70
C LEU A 296 21.38 4.00 8.18
N GLU A 297 20.27 4.73 8.14
CA GLU A 297 20.24 6.07 7.57
C GLU A 297 19.47 7.00 8.50
N TYR A 298 19.97 8.24 8.61
CA TYR A 298 19.36 9.21 9.52
C TYR A 298 17.93 9.54 9.09
N THR A 299 17.74 9.90 7.83
CA THR A 299 16.42 10.22 7.31
C THR A 299 15.56 8.97 7.30
N PRO A 300 14.46 8.92 8.08
CA PRO A 300 13.65 7.69 8.10
C PRO A 300 13.06 7.33 6.76
N THR A 301 12.66 8.33 5.97
CA THR A 301 12.07 8.04 4.67
C THR A 301 13.08 7.53 3.66
N ALA A 302 14.37 7.81 3.88
CA ALA A 302 15.41 7.36 2.96
C ALA A 302 15.82 5.91 3.20
N ARG A 303 15.44 5.32 4.33
CA ARG A 303 15.69 3.91 4.57
C ARG A 303 14.85 3.06 3.60
N LEU A 304 15.38 1.89 3.26
CA LEU A 304 14.67 1.00 2.35
C LEU A 304 13.44 0.42 3.03
N THR A 305 12.47 0.03 2.20
CA THR A 305 11.32 -0.70 2.71
C THR A 305 11.69 -2.17 2.84
N PRO A 306 10.99 -2.92 3.70
CA PRO A 306 11.34 -4.34 3.89
C PRO A 306 11.33 -5.14 2.60
N LEU A 307 10.45 -4.82 1.66
CA LEU A 307 10.38 -5.55 0.37
C LEU A 307 11.55 -5.10 -0.51
N GLU A 308 11.89 -3.81 -0.48
CA GLU A 308 13.06 -3.34 -1.21
C GLU A 308 14.33 -4.01 -0.70
N ALA A 309 14.41 -4.24 0.61
CA ALA A 309 15.54 -4.95 1.18
C ALA A 309 15.62 -6.37 0.63
N CYS A 310 14.48 -7.08 0.61
CA CYS A 310 14.44 -8.44 0.08
C CYS A 310 14.93 -8.50 -1.36
N ALA A 311 14.66 -7.46 -2.15
CA ALA A 311 15.04 -7.45 -3.56
C ALA A 311 16.48 -7.00 -3.79
N HIS A 312 17.22 -6.69 -2.73
CA HIS A 312 18.59 -6.23 -2.89
C HIS A 312 19.47 -7.34 -3.45
N SER A 313 20.58 -6.93 -4.08
CA SER A 313 21.48 -7.89 -4.71
C SER A 313 22.13 -8.82 -3.69
N PHE A 314 22.22 -8.38 -2.42
CA PHE A 314 22.80 -9.21 -1.38
C PHE A 314 22.09 -10.55 -1.26
N PHE A 315 20.80 -10.60 -1.59
CA PHE A 315 19.99 -11.80 -1.45
C PHE A 315 19.86 -12.58 -2.76
N ASP A 316 20.65 -12.24 -3.77
CA ASP A 316 20.52 -12.89 -5.07
C ASP A 316 20.89 -14.37 -5.00
N GLU A 317 21.78 -14.75 -4.08
CA GLU A 317 22.12 -16.16 -3.91
C GLU A 317 20.88 -16.98 -3.53
N LEU A 318 20.01 -16.40 -2.72
CA LEU A 318 18.80 -17.11 -2.26
C LEU A 318 17.89 -17.35 -3.47
N ARG A 319 18.03 -16.58 -4.57
CA ARG A 319 17.22 -16.72 -5.76
C ARG A 319 17.86 -17.62 -6.80
N ASP A 320 19.06 -18.12 -6.54
CA ASP A 320 19.70 -19.09 -7.42
C ASP A 320 18.93 -20.42 -7.34
N PRO A 321 18.52 -20.99 -8.48
CA PRO A 321 17.81 -22.28 -8.42
C PRO A 321 18.65 -23.40 -7.83
N ASN A 322 19.96 -23.33 -7.92
CA ASN A 322 20.84 -24.38 -7.42
C ASN A 322 21.23 -24.18 -5.95
N VAL A 323 20.58 -23.22 -5.28
CA VAL A 323 20.96 -22.91 -3.87
C VAL A 323 20.45 -24.02 -2.95
N LYS A 324 21.25 -24.38 -1.95
CA LYS A 324 20.88 -25.43 -0.97
C LYS A 324 21.47 -25.04 0.37
N LEU A 325 20.84 -25.41 1.47
CA LEU A 325 21.41 -25.16 2.80
C LEU A 325 22.73 -25.94 2.89
N PRO A 326 23.71 -25.47 3.66
CA PRO A 326 25.01 -26.16 3.75
C PRO A 326 24.92 -27.53 4.40
N ASN A 327 23.84 -27.83 5.12
CA ASN A 327 23.63 -29.17 5.68
C ASN A 327 23.07 -30.16 4.66
N GLY A 328 22.97 -29.76 3.39
CA GLY A 328 22.44 -30.63 2.36
C GLY A 328 21.01 -30.28 1.97
N ARG A 329 20.16 -30.03 2.98
CA ARG A 329 18.76 -29.72 2.77
C ARG A 329 18.57 -28.54 1.82
N ASP A 330 17.41 -28.45 1.19
CA ASP A 330 17.09 -27.28 0.37
C ASP A 330 16.71 -26.11 1.26
N THR A 331 16.75 -24.91 0.68
CA THR A 331 16.45 -23.71 1.44
C THR A 331 15.00 -23.75 1.91
N PRO A 332 14.69 -23.08 3.02
CA PRO A 332 13.29 -22.94 3.44
C PRO A 332 12.48 -22.13 2.44
N ALA A 333 11.17 -22.00 2.66
CA ALA A 333 10.33 -21.24 1.75
C ALA A 333 10.77 -19.78 1.71
N LEU A 334 11.08 -19.29 0.50
CA LEU A 334 11.53 -17.93 0.31
C LEU A 334 10.67 -17.12 -0.65
N PHE A 335 9.87 -17.78 -1.49
CA PHE A 335 9.10 -17.08 -2.53
C PHE A 335 7.60 -17.38 -2.44
N ASN A 336 7.14 -17.96 -1.33
CA ASN A 336 5.71 -18.19 -1.11
C ASN A 336 5.02 -16.88 -0.71
N PHE A 337 5.18 -15.88 -1.57
CA PHE A 337 4.69 -14.55 -1.27
C PHE A 337 3.17 -14.49 -1.37
N THR A 338 2.57 -13.72 -0.47
CA THR A 338 1.12 -13.46 -0.48
C THR A 338 0.94 -12.04 -1.01
N THR A 339 -0.18 -11.75 -1.67
CA THR A 339 -0.49 -10.42 -2.23
C THR A 339 -0.27 -9.36 -1.16
N GLN A 340 -0.61 -9.65 0.10
CA GLN A 340 -0.52 -8.65 1.16
C GLN A 340 0.92 -8.26 1.42
N GLU A 341 1.84 -9.23 1.44
CA GLU A 341 3.26 -8.91 1.51
C GLU A 341 3.67 -7.99 0.37
N LEU A 342 3.31 -8.38 -0.85
CA LEU A 342 3.72 -7.64 -2.07
C LEU A 342 2.81 -6.43 -2.31
N SER A 343 1.87 -6.15 -1.42
CA SER A 343 0.93 -5.05 -1.63
C SER A 343 1.66 -3.76 -1.95
N SER A 344 2.56 -3.34 -1.06
CA SER A 344 3.49 -2.27 -1.40
C SER A 344 4.57 -2.81 -2.31
N ASN A 345 5.03 -1.98 -3.24
CA ASN A 345 5.93 -2.39 -4.30
C ASN A 345 5.43 -3.65 -5.04
N PRO A 346 4.29 -3.57 -5.71
CA PRO A 346 3.80 -4.73 -6.47
C PRO A 346 4.78 -5.20 -7.54
N PRO A 347 5.41 -4.30 -8.31
CA PRO A 347 6.28 -4.78 -9.40
C PRO A 347 7.49 -5.59 -8.93
N LEU A 348 7.83 -5.55 -7.63
CA LEU A 348 8.91 -6.38 -7.13
C LEU A 348 8.57 -7.87 -7.13
N ALA A 349 7.30 -8.23 -7.31
CA ALA A 349 6.91 -9.64 -7.29
C ALA A 349 7.67 -10.44 -8.32
N THR A 350 7.81 -9.91 -9.54
CA THR A 350 8.55 -10.59 -10.58
C THR A 350 10.06 -10.51 -10.38
N ILE A 351 10.52 -9.68 -9.45
CA ILE A 351 11.94 -9.64 -9.09
C ILE A 351 12.22 -10.53 -7.89
N LEU A 352 11.31 -10.53 -6.90
CA LEU A 352 11.50 -11.32 -5.69
C LEU A 352 11.29 -12.82 -5.95
N ILE A 353 10.30 -13.17 -6.77
CA ILE A 353 10.02 -14.56 -7.12
C ILE A 353 10.86 -14.89 -8.35
N PRO A 354 11.87 -15.75 -8.24
CA PRO A 354 12.76 -16.02 -9.37
C PRO A 354 12.07 -16.84 -10.43
N PRO A 355 12.62 -16.91 -11.65
CA PRO A 355 11.98 -17.69 -12.72
C PRO A 355 11.73 -19.14 -12.36
N HIS A 356 12.66 -19.77 -11.63
CA HIS A 356 12.55 -21.18 -11.27
C HIS A 356 11.40 -21.48 -10.31
N ALA A 357 10.72 -20.46 -9.77
CA ALA A 357 9.59 -20.69 -8.88
C ALA A 357 8.43 -19.73 -9.13
N ARG A 358 8.21 -19.34 -10.39
CA ARG A 358 7.14 -18.39 -10.73
C ARG A 358 5.75 -18.96 -10.54
N GLU A 359 5.63 -20.21 -10.10
CA GLU A 359 4.34 -20.82 -9.79
C GLU A 359 3.69 -20.21 -8.56
N ASN A 360 4.39 -19.27 -7.92
CA ASN A 360 3.86 -18.62 -6.69
C ASN A 360 3.03 -17.41 -7.10
N LEU A 361 2.28 -17.52 -8.20
CA LEU A 361 1.42 -16.44 -8.68
C LEU A 361 2.21 -15.15 -8.91
N THR B 13 -38.82 20.00 8.20
CA THR B 13 -38.17 19.44 7.03
C THR B 13 -37.66 20.54 6.10
N THR B 14 -36.85 21.44 6.66
CA THR B 14 -36.22 22.53 5.93
C THR B 14 -35.21 23.21 6.84
N VAL B 15 -34.09 23.65 6.26
CA VAL B 15 -33.03 24.34 7.00
C VAL B 15 -32.38 25.35 6.07
N VAL B 16 -31.53 26.20 6.63
CA VAL B 16 -30.86 27.25 5.87
C VAL B 16 -29.60 26.69 5.22
N ALA B 17 -29.31 27.11 4.00
CA ALA B 17 -28.22 26.58 3.21
C ALA B 17 -27.27 27.68 2.78
N THR B 18 -25.97 27.38 2.86
CA THR B 18 -24.87 28.24 2.45
C THR B 18 -24.50 27.97 1.00
N PRO B 19 -23.91 28.94 0.31
CA PRO B 19 -23.69 28.82 -1.14
C PRO B 19 -22.44 28.05 -1.52
N GLY B 20 -22.57 27.25 -2.57
CA GLY B 20 -21.48 26.53 -3.20
C GLY B 20 -20.98 27.32 -4.40
N GLN B 21 -21.55 27.06 -5.57
CA GLN B 21 -21.24 27.83 -6.78
C GLN B 21 -22.26 28.95 -6.88
N GLY B 22 -22.00 30.05 -6.15
CA GLY B 22 -22.93 31.20 -6.15
C GLY B 22 -22.31 32.38 -5.42
N PRO B 23 -23.11 33.30 -4.84
CA PRO B 23 -22.57 34.41 -4.05
C PRO B 23 -22.19 33.88 -2.66
N ASP B 24 -21.26 34.53 -1.97
CA ASP B 24 -20.79 34.04 -0.63
C ASP B 24 -21.81 34.46 0.43
N ARG B 25 -23.10 34.23 0.17
CA ARG B 25 -24.14 34.73 1.12
C ARG B 25 -25.11 33.62 1.46
N PRO B 26 -25.50 33.47 2.75
CA PRO B 26 -26.44 32.43 3.16
C PRO B 26 -27.82 32.50 2.51
N GLN B 27 -28.58 31.41 2.60
CA GLN B 27 -29.94 31.37 2.07
C GLN B 27 -30.70 30.26 2.80
N GLU B 28 -31.92 29.98 2.34
CA GLU B 28 -32.77 28.97 2.97
C GLU B 28 -33.36 28.06 1.90
N VAL B 29 -33.44 26.76 2.22
CA VAL B 29 -33.93 25.75 1.28
C VAL B 29 -34.96 24.90 1.98
N SER B 30 -35.84 24.30 1.19
CA SER B 30 -36.91 23.43 1.69
C SER B 30 -36.95 22.16 0.84
N TYR B 31 -36.68 21.02 1.47
CA TYR B 31 -36.67 19.74 0.78
C TYR B 31 -37.23 18.66 1.72
N THR B 32 -37.95 17.72 1.12
CA THR B 32 -38.56 16.62 1.87
C THR B 32 -38.30 15.32 1.11
N ASP B 33 -39.11 14.29 1.40
CA ASP B 33 -39.12 13.03 0.68
C ASP B 33 -37.70 12.44 0.65
N THR B 34 -37.00 12.61 1.77
CA THR B 34 -35.60 12.26 1.87
C THR B 34 -35.41 10.74 1.87
N LYS B 35 -34.19 10.33 1.51
CA LYS B 35 -33.77 8.91 1.45
C LYS B 35 -34.56 8.16 0.38
N ILE B 37 -29.81 5.99 -0.58
CA ILE B 37 -29.12 5.88 -1.86
C ILE B 37 -27.80 5.11 -1.68
N GLY B 38 -27.07 5.43 -0.63
CA GLY B 38 -25.82 4.74 -0.37
C GLY B 38 -25.06 5.28 0.82
N ASN B 39 -24.21 4.45 1.41
CA ASN B 39 -23.39 4.81 2.56
C ASN B 39 -22.03 4.15 2.41
N GLY B 40 -21.25 4.15 3.49
CA GLY B 40 -19.93 3.54 3.49
C GLY B 40 -19.09 4.06 4.64
N SER B 41 -17.76 4.02 4.45
CA SER B 41 -16.86 4.65 5.40
C SER B 41 -17.06 6.16 5.42
N PHE B 42 -17.18 6.73 4.22
CA PHE B 42 -17.61 8.13 4.11
C PHE B 42 -19.06 8.09 4.55
N GLY B 43 -19.70 9.23 4.73
CA GLY B 43 -21.08 9.30 5.20
C GLY B 43 -22.11 8.79 4.21
N VAL B 44 -23.38 9.07 4.47
CA VAL B 44 -24.45 8.63 3.59
C VAL B 44 -24.71 9.70 2.53
N VAL B 45 -25.33 9.28 1.43
CA VAL B 45 -25.78 10.18 0.38
C VAL B 45 -27.28 10.03 0.26
N TYR B 46 -28.01 11.11 0.50
CA TYR B 46 -29.46 11.10 0.49
C TYR B 46 -29.99 11.59 -0.85
N GLN B 47 -31.23 11.23 -1.15
CA GLN B 47 -31.91 11.74 -2.33
C GLN B 47 -33.07 12.64 -1.92
N GLY B 54 -34.93 21.35 -3.86
CA GLY B 54 -35.62 21.50 -5.15
C GLY B 54 -36.07 20.16 -5.70
N GLU B 55 -36.67 20.16 -6.90
CA GLU B 55 -37.15 18.90 -7.53
C GLU B 55 -35.95 18.08 -7.99
N LEU B 56 -35.98 16.77 -7.72
CA LEU B 56 -34.88 15.87 -8.18
C LEU B 56 -33.53 16.44 -7.78
N VAL B 57 -33.12 16.22 -6.52
CA VAL B 57 -31.78 16.69 -6.08
C VAL B 57 -31.05 15.53 -5.38
N ALA B 58 -29.96 15.83 -4.69
CA ALA B 58 -29.17 14.79 -3.97
C ALA B 58 -28.26 15.45 -2.93
N ILE B 59 -28.05 14.82 -1.78
CA ILE B 59 -27.28 15.47 -0.73
C ILE B 59 -26.41 14.44 -0.04
N LYS B 60 -25.13 14.76 0.06
CA LYS B 60 -24.14 13.81 0.64
C LYS B 60 -23.62 14.35 1.96
N LYS B 61 -23.82 13.59 3.02
CA LYS B 61 -23.35 13.97 4.35
C LYS B 61 -22.00 13.32 4.62
N VAL B 62 -21.08 14.10 5.19
CA VAL B 62 -19.75 13.59 5.52
C VAL B 62 -19.26 14.32 6.76
N LEU B 63 -19.20 13.62 7.89
CA LEU B 63 -18.82 14.24 9.16
C LEU B 63 -17.43 14.84 9.07
N GLN B 64 -17.28 16.04 9.63
CA GLN B 64 -16.02 16.76 9.62
C GLN B 64 -15.91 17.71 10.80
N ASN B 70 -12.32 20.13 4.72
CA ASN B 70 -12.64 19.24 3.60
C ASN B 70 -12.16 19.85 2.28
N ARG B 71 -11.23 19.15 1.62
CA ARG B 71 -10.77 19.60 0.31
C ARG B 71 -11.87 19.51 -0.73
N GLU B 72 -12.78 18.55 -0.57
CA GLU B 72 -13.83 18.36 -1.60
C GLU B 72 -14.61 19.65 -1.75
N LEU B 73 -14.96 20.29 -0.63
CA LEU B 73 -15.81 21.48 -0.70
C LEU B 73 -15.09 22.64 -1.38
N GLN B 74 -13.82 22.85 -1.04
CA GLN B 74 -13.05 23.91 -1.68
C GLN B 74 -12.90 23.67 -3.18
N ILE B 75 -13.07 22.43 -3.64
CA ILE B 75 -13.05 22.13 -5.07
C ILE B 75 -14.46 22.17 -5.66
N MET B 76 -15.43 21.60 -4.95
CA MET B 76 -16.81 21.61 -5.44
C MET B 76 -17.35 23.03 -5.59
N ARG B 77 -16.87 23.96 -4.77
CA ARG B 77 -17.31 25.35 -4.89
C ARG B 77 -16.67 26.04 -6.08
N LYS B 78 -15.37 25.80 -6.30
CA LYS B 78 -14.63 26.49 -7.35
C LYS B 78 -15.06 26.04 -8.75
N LEU B 79 -15.64 24.85 -8.88
CA LEU B 79 -15.92 24.25 -10.18
C LEU B 79 -17.36 24.48 -10.60
N ASP B 80 -17.55 24.69 -11.90
CA ASP B 80 -18.88 24.74 -12.51
C ASP B 80 -18.73 24.41 -13.98
N HIS B 81 -19.41 23.37 -14.44
CA HIS B 81 -19.29 22.91 -15.81
C HIS B 81 -20.49 22.02 -16.13
N CYS B 82 -20.89 22.03 -17.41
CA CYS B 82 -22.08 21.29 -17.80
C CYS B 82 -21.89 19.79 -17.65
N ASN B 83 -20.65 19.31 -17.73
CA ASN B 83 -20.34 17.89 -17.58
C ASN B 83 -19.77 17.56 -16.20
N ILE B 84 -20.12 18.34 -15.19
CA ILE B 84 -19.69 18.08 -13.78
C ILE B 84 -20.85 18.41 -12.83
N VAL B 85 -21.23 17.48 -11.96
CA VAL B 85 -22.35 17.66 -10.99
C VAL B 85 -22.08 18.99 -10.28
N ARG B 86 -23.11 19.82 -10.13
CA ARG B 86 -22.96 21.16 -9.57
C ARG B 86 -23.33 21.14 -8.09
N LEU B 87 -22.48 21.75 -7.27
CA LEU B 87 -22.76 21.93 -5.84
C LEU B 87 -23.74 23.08 -5.72
N ARG B 88 -25.03 22.75 -5.57
CA ARG B 88 -26.06 23.78 -5.46
C ARG B 88 -25.86 24.60 -4.19
N TYR B 89 -26.00 23.97 -3.03
CA TYR B 89 -25.76 24.60 -1.74
C TYR B 89 -25.06 23.60 -0.83
N PHE B 90 -24.55 24.08 0.30
CA PHE B 90 -24.00 23.17 1.30
C PHE B 90 -24.32 23.65 2.71
N LEU B 103 -20.50 17.57 7.35
CA LEU B 103 -20.62 18.47 6.21
C LEU B 103 -21.56 17.89 5.16
N ASN B 104 -22.60 18.65 4.83
CA ASN B 104 -23.60 18.23 3.85
C ASN B 104 -23.40 19.00 2.55
N LEU B 105 -23.48 18.28 1.43
CA LEU B 105 -23.28 18.87 0.10
C LEU B 105 -24.51 18.55 -0.75
N VAL B 106 -25.16 19.59 -1.26
CA VAL B 106 -26.34 19.47 -2.09
C VAL B 106 -25.91 19.51 -3.55
N LEU B 107 -26.23 18.45 -4.30
CA LEU B 107 -25.74 18.28 -5.66
C LEU B 107 -26.89 17.87 -6.58
N ASP B 108 -26.63 17.94 -7.88
CA ASP B 108 -27.63 17.55 -8.87
C ASP B 108 -27.94 16.06 -8.76
N TYR B 109 -29.16 15.71 -9.16
CA TYR B 109 -29.59 14.30 -9.22
C TYR B 109 -29.57 13.87 -10.67
N VAL B 110 -28.97 12.73 -10.96
CA VAL B 110 -28.90 12.18 -12.31
C VAL B 110 -29.43 10.74 -12.24
N PRO B 111 -30.31 10.31 -13.14
CA PRO B 111 -31.00 9.02 -12.96
C PRO B 111 -30.13 7.79 -13.14
N GLU B 112 -29.06 7.85 -13.92
CA GLU B 112 -28.28 6.67 -14.24
C GLU B 112 -26.79 6.94 -14.06
N THR B 113 -25.99 5.92 -14.33
CA THR B 113 -24.53 6.04 -14.41
C THR B 113 -24.05 5.26 -15.63
N VAL B 114 -22.80 5.53 -16.04
CA VAL B 114 -22.22 4.78 -17.16
C VAL B 114 -22.05 3.32 -16.80
N TYR B 115 -21.71 3.04 -15.53
CA TYR B 115 -21.52 1.65 -15.11
C TYR B 115 -22.80 0.84 -15.28
N ARG B 116 -23.94 1.37 -14.81
CA ARG B 116 -25.19 0.63 -14.89
C ARG B 116 -25.62 0.41 -16.34
N VAL B 117 -25.39 1.39 -17.20
CA VAL B 117 -25.82 1.27 -18.59
C VAL B 117 -24.98 0.24 -19.33
N ALA B 118 -23.65 0.30 -19.16
CA ALA B 118 -22.77 -0.69 -19.78
C ALA B 118 -23.01 -2.08 -19.21
N ARG B 119 -23.35 -2.17 -17.92
CA ARG B 119 -23.69 -3.46 -17.32
C ARG B 119 -24.95 -4.04 -17.95
N HIS B 120 -25.94 -3.18 -18.21
CA HIS B 120 -27.17 -3.63 -18.88
C HIS B 120 -26.86 -4.27 -20.22
N TYR B 121 -26.05 -3.61 -21.04
CA TYR B 121 -25.70 -4.16 -22.35
C TYR B 121 -24.87 -5.42 -22.20
N SER B 122 -23.95 -5.45 -21.23
CA SER B 122 -23.08 -6.61 -21.05
C SER B 122 -23.88 -7.82 -20.60
N ARG B 123 -24.84 -7.64 -19.68
CA ARG B 123 -25.67 -8.75 -19.25
C ARG B 123 -26.50 -9.31 -20.40
N ALA B 124 -26.93 -8.45 -21.33
CA ALA B 124 -27.66 -8.88 -22.51
C ALA B 124 -26.74 -9.37 -23.63
N LYS B 125 -25.47 -9.62 -23.33
CA LYS B 125 -24.48 -10.11 -24.29
C LYS B 125 -24.30 -9.16 -25.47
N GLN B 126 -24.60 -7.89 -25.29
CA GLN B 126 -24.42 -6.88 -26.32
C GLN B 126 -23.34 -5.89 -25.90
N THR B 127 -22.76 -5.22 -26.88
CA THR B 127 -21.81 -4.14 -26.64
C THR B 127 -22.52 -2.80 -26.87
N LEU B 128 -22.24 -1.83 -26.00
CA LEU B 128 -22.86 -0.49 -26.12
C LEU B 128 -22.50 0.04 -27.50
N PRO B 129 -23.47 0.58 -28.25
CA PRO B 129 -23.19 1.17 -29.57
C PRO B 129 -22.19 2.31 -29.46
N VAL B 130 -21.37 2.45 -30.50
CA VAL B 130 -20.23 3.36 -30.45
C VAL B 130 -20.67 4.80 -30.24
N ILE B 131 -21.84 5.17 -30.77
CA ILE B 131 -22.31 6.55 -30.65
C ILE B 131 -22.52 6.92 -29.19
N TYR B 132 -22.84 5.95 -28.35
CA TYR B 132 -23.01 6.20 -26.89
C TYR B 132 -21.63 6.17 -26.24
N VAL B 133 -20.68 5.46 -26.83
CA VAL B 133 -19.29 5.38 -26.31
C VAL B 133 -18.62 6.70 -26.68
N LYS B 134 -18.90 7.23 -27.87
CA LYS B 134 -18.37 8.53 -28.27
C LYS B 134 -18.90 9.64 -27.38
N LEU B 135 -20.22 9.66 -27.15
CA LEU B 135 -20.84 10.73 -26.37
C LEU B 135 -20.34 10.72 -24.93
N TYR B 136 -20.34 9.55 -24.30
CA TYR B 136 -19.94 9.45 -22.90
C TYR B 136 -18.46 9.76 -22.71
N MET B 137 -17.62 9.30 -23.63
CA MET B 137 -16.16 9.47 -23.46
C MET B 137 -15.78 10.91 -23.80
N TYR B 138 -16.41 11.54 -24.79
CA TYR B 138 -16.15 12.93 -25.12
C TYR B 138 -16.46 13.85 -23.94
N GLN B 139 -17.63 13.66 -23.32
CA GLN B 139 -18.02 14.50 -22.20
C GLN B 139 -17.12 14.28 -20.99
N LEU B 140 -16.63 13.05 -20.80
CA LEU B 140 -15.67 12.80 -19.74
C LEU B 140 -14.38 13.57 -19.98
N PHE B 141 -13.92 13.63 -21.25
CA PHE B 141 -12.69 14.35 -21.55
C PHE B 141 -12.88 15.86 -21.42
N ARG B 142 -14.08 16.35 -21.77
CA ARG B 142 -14.38 17.76 -21.54
C ARG B 142 -14.30 18.11 -20.07
N SER B 143 -14.92 17.29 -19.22
CA SER B 143 -14.85 17.52 -17.78
C SER B 143 -13.43 17.38 -17.26
N LEU B 144 -12.63 16.49 -17.86
CA LEU B 144 -11.25 16.33 -17.42
C LEU B 144 -10.39 17.52 -17.82
N ALA B 145 -10.61 18.06 -19.02
CA ALA B 145 -9.87 19.26 -19.44
C ALA B 145 -10.22 20.45 -18.57
N TYR B 146 -11.46 20.53 -18.10
CA TYR B 146 -11.88 21.65 -17.27
C TYR B 146 -11.20 21.63 -15.91
N ILE B 147 -11.28 20.49 -15.20
CA ILE B 147 -10.70 20.42 -13.87
C ILE B 147 -9.18 20.47 -13.91
N HIS B 148 -8.57 19.91 -14.97
CA HIS B 148 -7.12 19.98 -15.11
C HIS B 148 -6.65 21.40 -15.40
N SER B 149 -7.52 22.25 -15.96
CA SER B 149 -7.16 23.65 -16.17
C SER B 149 -6.90 24.36 -14.86
N PHE B 150 -7.53 23.90 -13.76
CA PHE B 150 -7.23 24.40 -12.43
C PHE B 150 -6.16 23.59 -11.73
N GLY B 151 -5.52 22.66 -12.43
CA GLY B 151 -4.58 21.76 -11.79
C GLY B 151 -5.20 20.73 -10.88
N ILE B 152 -6.53 20.59 -10.90
CA ILE B 152 -7.23 19.66 -10.03
C ILE B 152 -7.27 18.29 -10.71
N CYS B 153 -6.78 17.28 -10.00
CA CYS B 153 -6.86 15.90 -10.44
C CYS B 153 -7.97 15.18 -9.67
N HIS B 154 -8.85 14.44 -10.34
CA HIS B 154 -9.96 13.71 -9.69
C HIS B 154 -9.39 12.58 -8.85
N ARG B 155 -8.55 11.72 -9.45
CA ARG B 155 -7.95 10.58 -8.77
C ARG B 155 -8.96 9.48 -8.45
N ASP B 156 -10.15 9.53 -9.06
CA ASP B 156 -11.11 8.43 -8.99
C ASP B 156 -12.01 8.41 -10.22
N ILE B 157 -11.40 8.33 -11.40
CA ILE B 157 -12.16 8.20 -12.64
C ILE B 157 -12.57 6.74 -12.82
N LYS B 158 -13.86 6.48 -12.80
CA LYS B 158 -14.39 5.13 -12.96
C LYS B 158 -15.84 5.24 -13.43
N PRO B 159 -16.37 4.22 -14.09
CA PRO B 159 -17.74 4.31 -14.61
C PRO B 159 -18.78 4.55 -13.53
N GLN B 160 -18.51 4.14 -12.30
CA GLN B 160 -19.46 4.38 -11.20
C GLN B 160 -19.60 5.85 -10.86
N ASN B 161 -18.60 6.67 -11.20
CA ASN B 161 -18.64 8.11 -10.94
C ASN B 161 -18.97 8.91 -12.19
N LEU B 162 -19.54 8.28 -13.21
CA LEU B 162 -19.94 8.93 -14.45
C LEU B 162 -21.47 8.92 -14.51
N LEU B 163 -22.08 9.92 -13.89
CA LEU B 163 -23.53 10.06 -13.91
C LEU B 163 -24.04 10.32 -15.33
N LEU B 164 -25.22 9.80 -15.62
CA LEU B 164 -25.70 9.82 -17.00
C LEU B 164 -27.21 9.90 -17.07
N ASP B 165 -27.73 10.90 -17.77
CA ASP B 165 -29.15 10.99 -18.06
C ASP B 165 -29.40 10.25 -19.37
N PRO B 166 -29.99 9.06 -19.34
CA PRO B 166 -30.08 8.26 -20.58
C PRO B 166 -30.99 8.85 -21.64
N ASP B 167 -31.88 9.76 -21.28
CA ASP B 167 -32.75 10.38 -22.28
C ASP B 167 -32.02 11.48 -23.05
N THR B 168 -31.31 12.36 -22.33
CA THR B 168 -30.58 13.45 -22.95
C THR B 168 -29.16 13.07 -23.35
N ALA B 169 -28.64 11.95 -22.83
CA ALA B 169 -27.27 11.50 -23.03
C ALA B 169 -26.24 12.42 -22.40
N VAL B 170 -26.66 13.29 -21.49
CA VAL B 170 -25.74 14.18 -20.79
C VAL B 170 -24.97 13.40 -19.73
N LEU B 171 -23.66 13.64 -19.64
CA LEU B 171 -22.82 13.00 -18.65
C LEU B 171 -22.37 14.05 -17.63
N LYS B 172 -22.31 13.65 -16.36
CA LYS B 172 -21.87 14.53 -15.28
C LYS B 172 -20.92 13.77 -14.38
N LEU B 173 -19.70 14.29 -14.21
CA LEU B 173 -18.67 13.68 -13.35
C LEU B 173 -18.94 14.07 -11.91
N CYS B 174 -18.73 13.17 -10.96
CA CYS B 174 -19.08 13.38 -9.56
C CYS B 174 -17.99 12.80 -8.67
N ASP B 175 -18.28 12.79 -7.37
CA ASP B 175 -17.44 12.19 -6.33
C ASP B 175 -16.01 12.72 -6.41
N PHE B 176 -15.87 13.97 -5.98
CA PHE B 176 -14.59 14.65 -5.87
C PHE B 176 -13.95 14.46 -4.49
N GLY B 177 -14.36 13.44 -3.74
CA GLY B 177 -13.79 13.21 -2.42
C GLY B 177 -12.30 12.90 -2.45
N SER B 178 -11.84 12.20 -3.48
CA SER B 178 -10.42 11.89 -3.63
C SER B 178 -9.68 12.94 -4.46
N ALA B 179 -10.37 13.97 -4.94
CA ALA B 179 -9.76 14.98 -5.78
C ALA B 179 -8.83 15.87 -4.95
N LYS B 180 -7.86 16.46 -5.64
CA LYS B 180 -6.84 17.26 -4.97
C LYS B 180 -6.11 18.12 -5.99
N GLN B 181 -5.76 19.34 -5.57
CA GLN B 181 -4.91 20.19 -6.39
C GLN B 181 -3.46 19.69 -6.34
N LEU B 182 -2.85 19.55 -7.50
CA LEU B 182 -1.48 19.08 -7.63
C LEU B 182 -0.55 20.27 -7.87
N VAL B 183 0.55 20.30 -7.13
CA VAL B 183 1.59 21.32 -7.32
C VAL B 183 2.94 20.61 -7.41
N ARG B 184 3.75 21.04 -8.38
CA ARG B 184 5.01 20.36 -8.66
C ARG B 184 5.94 20.40 -7.45
N GLY B 185 6.63 19.31 -7.23
CA GLY B 185 7.50 19.17 -6.07
C GLY B 185 6.84 18.56 -4.86
N GLU B 186 5.65 19.02 -4.52
CA GLU B 186 4.93 18.49 -3.38
C GLU B 186 4.38 17.10 -3.72
N PRO B 187 4.87 16.01 -3.08
CA PRO B 187 4.46 14.67 -3.48
C PRO B 187 3.11 14.29 -2.85
N ASN B 188 2.46 13.26 -3.40
CA ASN B 188 1.12 12.88 -2.89
C ASN B 188 0.97 11.36 -2.83
N VAL B 189 -0.13 10.87 -2.27
CA VAL B 189 -0.36 9.40 -2.10
C VAL B 189 -0.26 8.65 -3.43
N SER B 190 0.22 7.41 -3.39
CA SER B 190 0.29 6.58 -4.60
C SER B 190 -0.86 5.59 -4.68
N PTR B 191 -1.32 5.08 -3.54
CA PTR B 191 -2.46 4.18 -3.50
C PTR B 191 -3.74 5.00 -3.51
O PTR B 191 -4.32 5.26 -2.46
CB PTR B 191 -2.39 3.28 -2.26
CG PTR B 191 -3.31 2.08 -2.26
CD1 PTR B 191 -4.54 2.13 -1.62
CD2 PTR B 191 -2.94 0.90 -2.89
CE1 PTR B 191 -5.38 1.03 -1.61
CE2 PTR B 191 -3.78 -0.20 -2.89
CZ PTR B 191 -5.00 -0.13 -2.26
OH PTR B 191 -5.79 -1.17 -2.25
P PTR B 191 -6.63 -1.65 -3.53
O1P PTR B 191 -7.72 -2.63 -3.08
O2P PTR B 191 -5.72 -2.32 -4.48
O3P PTR B 191 -7.29 -0.43 -4.21
N ILE B 192 -4.15 5.48 -4.69
CA ILE B 192 -5.28 6.44 -4.77
C ILE B 192 -6.43 5.96 -5.65
N CYS B 193 -6.21 5.58 -6.89
CA CYS B 193 -7.32 5.30 -7.80
C CYS B 193 -7.93 3.94 -7.48
N SER B 194 -9.12 3.71 -8.04
CA SER B 194 -9.70 2.38 -8.02
C SER B 194 -8.84 1.43 -8.82
N ARG B 195 -8.61 0.23 -8.29
CA ARG B 195 -7.54 -0.64 -8.79
C ARG B 195 -7.68 -0.90 -10.28
N TYR B 196 -8.88 -1.24 -10.74
CA TYR B 196 -9.09 -1.59 -12.14
C TYR B 196 -8.68 -0.45 -13.07
N TYR B 197 -8.60 0.77 -12.57
CA TYR B 197 -8.30 1.94 -13.38
C TYR B 197 -7.07 2.68 -12.90
N ARG B 198 -6.26 2.05 -12.04
CA ARG B 198 -5.07 2.70 -11.51
C ARG B 198 -3.98 2.80 -12.58
N ALA B 199 -3.40 3.98 -12.71
CA ALA B 199 -2.33 4.19 -13.67
C ALA B 199 -1.07 3.43 -13.23
N PRO B 200 -0.23 3.01 -14.19
CA PRO B 200 0.95 2.21 -13.83
C PRO B 200 1.92 2.93 -12.91
N GLU B 201 2.12 4.24 -13.11
CA GLU B 201 3.02 4.99 -12.25
C GLU B 201 2.55 5.00 -10.80
N LEU B 202 1.24 4.82 -10.58
CA LEU B 202 0.74 4.71 -9.21
C LEU B 202 1.06 3.33 -8.62
N ILE B 203 0.96 2.29 -9.44
CA ILE B 203 1.35 0.95 -8.99
C ILE B 203 2.86 0.91 -8.72
N PHE B 204 3.64 1.59 -9.55
CA PHE B 204 5.08 1.75 -9.33
C PHE B 204 5.39 2.74 -8.19
N GLY B 205 4.36 3.19 -7.47
CA GLY B 205 4.55 3.93 -6.25
C GLY B 205 5.01 5.36 -6.41
N ALA B 206 4.86 5.95 -7.60
CA ALA B 206 5.32 7.31 -7.81
C ALA B 206 4.48 8.30 -6.99
N THR B 207 5.14 9.27 -6.36
CA THR B 207 4.43 10.34 -5.59
C THR B 207 4.48 11.64 -6.40
N ASP B 208 5.30 11.70 -7.44
CA ASP B 208 5.37 12.88 -8.30
C ASP B 208 4.65 12.57 -9.60
N TYR B 209 3.31 12.52 -9.52
CA TYR B 209 2.48 12.17 -10.66
C TYR B 209 1.62 13.36 -11.07
N THR B 210 1.44 13.50 -12.38
CA THR B 210 0.66 14.60 -12.93
C THR B 210 -0.81 14.18 -13.02
N SER B 211 -1.64 15.02 -13.64
CA SER B 211 -3.04 14.69 -13.85
C SER B 211 -3.25 13.67 -14.95
N SER B 212 -2.19 13.21 -15.61
CA SER B 212 -2.31 12.20 -16.65
C SER B 212 -2.78 10.86 -16.10
N ILE B 213 -2.79 10.68 -14.78
CA ILE B 213 -3.37 9.47 -14.21
C ILE B 213 -4.86 9.42 -14.49
N ASP B 214 -5.51 10.58 -14.60
CA ASP B 214 -6.93 10.61 -14.94
C ASP B 214 -7.16 10.21 -16.39
N VAL B 215 -6.21 10.52 -17.28
CA VAL B 215 -6.34 10.13 -18.68
C VAL B 215 -6.16 8.63 -18.84
N TRP B 216 -5.30 8.01 -18.02
CA TRP B 216 -5.20 6.55 -18.02
C TRP B 216 -6.52 5.92 -17.60
N SER B 217 -7.08 6.39 -16.50
CA SER B 217 -8.35 5.88 -15.97
C SER B 217 -9.41 6.01 -17.06
N ALA B 218 -9.46 7.13 -17.77
CA ALA B 218 -10.42 7.35 -18.85
C ALA B 218 -10.20 6.35 -19.97
N GLY B 219 -8.94 6.11 -20.35
CA GLY B 219 -8.66 5.10 -21.35
C GLY B 219 -9.09 3.71 -20.93
N CYS B 220 -9.01 3.42 -19.62
CA CYS B 220 -9.54 2.17 -19.11
C CYS B 220 -11.05 2.10 -19.25
N VAL B 221 -11.73 3.22 -19.05
CA VAL B 221 -13.18 3.25 -19.26
C VAL B 221 -13.52 3.07 -20.73
N LEU B 222 -12.72 3.68 -21.61
CA LEU B 222 -12.95 3.59 -23.07
C LEU B 222 -12.84 2.13 -23.47
N ALA B 223 -11.79 1.44 -23.00
CA ALA B 223 -11.61 0.03 -23.33
C ALA B 223 -12.73 -0.82 -22.75
N GLU B 224 -13.13 -0.54 -21.51
CA GLU B 224 -14.21 -1.29 -20.89
C GLU B 224 -15.52 -1.11 -21.64
N LEU B 225 -15.76 0.08 -22.18
CA LEU B 225 -16.95 0.30 -23.00
C LEU B 225 -16.83 -0.41 -24.34
N LEU B 226 -15.61 -0.61 -24.81
CA LEU B 226 -15.35 -1.24 -26.14
C LEU B 226 -15.28 -2.75 -25.98
N LEU B 227 -14.86 -3.27 -24.82
CA LEU B 227 -14.72 -4.70 -24.59
C LEU B 227 -15.95 -5.32 -23.94
N GLY B 228 -16.70 -4.55 -23.17
CA GLY B 228 -17.77 -5.08 -22.35
C GLY B 228 -17.32 -5.53 -20.98
N GLN B 229 -16.03 -5.44 -20.67
CA GLN B 229 -15.47 -5.87 -19.40
C GLN B 229 -14.20 -5.07 -19.15
N PRO B 230 -13.76 -4.96 -17.90
CA PRO B 230 -12.52 -4.21 -17.62
C PRO B 230 -11.34 -4.79 -18.38
N ILE B 231 -10.51 -3.90 -18.93
CA ILE B 231 -9.36 -4.36 -19.70
C ILE B 231 -8.25 -4.86 -18.78
N PHE B 232 -8.10 -4.28 -17.59
CA PHE B 232 -7.10 -4.69 -16.62
C PHE B 232 -7.77 -5.02 -15.29
N PRO B 233 -8.45 -6.17 -15.21
CA PRO B 233 -9.15 -6.56 -13.97
C PRO B 233 -8.25 -7.29 -12.97
N GLY B 234 -7.47 -6.51 -12.22
CA GLY B 234 -6.56 -7.07 -11.24
C GLY B 234 -7.20 -7.47 -9.93
N ASP B 235 -7.00 -8.70 -9.49
CA ASP B 235 -7.64 -9.18 -8.23
C ASP B 235 -6.81 -8.74 -7.04
N SER B 236 -5.72 -8.02 -7.28
CA SER B 236 -4.86 -7.51 -6.23
C SER B 236 -3.93 -6.45 -6.81
N GLY B 237 -3.16 -5.81 -5.93
CA GLY B 237 -2.19 -4.83 -6.40
C GLY B 237 -1.17 -5.43 -7.35
N VAL B 238 -0.71 -6.64 -7.05
CA VAL B 238 0.24 -7.33 -7.93
C VAL B 238 -0.42 -7.69 -9.24
N ASP B 239 -1.59 -8.33 -9.19
CA ASP B 239 -2.21 -8.78 -10.47
C ASP B 239 -2.45 -7.54 -11.34
N GLN B 240 -2.87 -6.43 -10.72
CA GLN B 240 -3.19 -5.26 -11.54
C GLN B 240 -2.07 -4.94 -12.51
N LEU B 241 -0.82 -4.94 -12.04
CA LEU B 241 0.31 -4.74 -12.93
C LEU B 241 0.40 -5.86 -13.96
N VAL B 242 0.22 -7.12 -13.50
CA VAL B 242 0.26 -8.26 -14.41
C VAL B 242 -0.74 -8.08 -15.54
N GLU B 243 -1.95 -7.67 -15.20
CA GLU B 243 -2.99 -7.53 -16.24
C GLU B 243 -2.57 -6.46 -17.25
N ILE B 244 -1.81 -5.44 -16.83
CA ILE B 244 -1.35 -4.42 -17.76
C ILE B 244 -0.25 -4.98 -18.66
N ILE B 245 0.62 -5.82 -18.11
CA ILE B 245 1.68 -6.43 -18.91
C ILE B 245 1.10 -7.35 -19.98
N LYS B 246 -0.01 -8.04 -19.66
CA LYS B 246 -0.61 -8.94 -20.63
C LYS B 246 -1.04 -8.22 -21.90
N VAL B 247 -1.37 -6.94 -21.81
CA VAL B 247 -1.79 -6.14 -22.94
C VAL B 247 -0.66 -5.25 -23.46
N LEU B 248 0.00 -4.52 -22.57
CA LEU B 248 1.01 -3.55 -22.94
C LEU B 248 2.40 -4.14 -23.11
N GLY B 249 2.64 -5.36 -22.65
CA GLY B 249 3.98 -5.87 -22.56
C GLY B 249 4.71 -5.28 -21.37
N THR B 250 5.99 -5.55 -21.24
CA THR B 250 6.77 -5.08 -20.07
C THR B 250 7.29 -3.67 -20.37
N PRO B 251 7.23 -2.72 -19.41
CA PRO B 251 7.82 -1.40 -19.62
C PRO B 251 9.31 -1.50 -19.88
N THR B 252 9.84 -0.50 -20.59
CA THR B 252 11.29 -0.38 -20.86
C THR B 252 11.84 0.47 -19.74
N ARG B 253 13.13 0.41 -19.44
CA ARG B 253 13.78 1.19 -18.38
C ARG B 253 13.50 2.68 -18.54
N GLU B 254 13.33 3.15 -19.78
CA GLU B 254 12.93 4.53 -20.01
C GLU B 254 11.52 4.78 -19.50
N GLN B 255 10.58 3.89 -19.85
CA GLN B 255 9.21 4.03 -19.36
C GLN B 255 9.16 3.93 -17.85
N ILE B 256 9.91 3.00 -17.27
CA ILE B 256 9.98 2.89 -15.81
C ILE B 256 10.56 4.16 -15.21
N ARG B 257 11.57 4.75 -15.87
CA ARG B 257 12.16 5.98 -15.38
C ARG B 257 11.16 7.13 -15.40
N GLU B 258 10.32 7.19 -16.44
CA GLU B 258 9.31 8.24 -16.50
C GLU B 258 8.25 8.02 -15.42
N MET B 259 7.86 6.78 -15.17
CA MET B 259 6.90 6.49 -14.12
C MET B 259 7.49 6.78 -12.75
N ASN B 260 8.58 6.08 -12.41
CA ASN B 260 9.31 6.33 -11.17
C ASN B 260 10.77 5.94 -11.35
N PRO B 261 11.69 6.92 -11.32
CA PRO B 261 13.10 6.60 -11.59
C PRO B 261 13.74 5.72 -10.52
N ASN B 262 13.32 5.85 -9.26
CA ASN B 262 13.89 5.04 -8.20
C ASN B 262 13.68 3.55 -8.44
N TYR B 263 12.73 3.19 -9.31
CA TYR B 263 12.40 1.77 -9.53
C TYR B 263 13.16 1.19 -10.72
N THR B 264 13.90 2.03 -11.45
CA THR B 264 14.57 1.57 -12.66
C THR B 264 15.73 0.62 -12.39
N GLU B 265 16.06 0.37 -11.12
CA GLU B 265 17.23 -0.43 -10.76
C GLU B 265 16.94 -1.92 -10.69
N PHE B 266 16.09 -2.45 -11.56
CA PHE B 266 15.80 -3.88 -11.59
C PHE B 266 15.62 -4.33 -13.03
N LYS B 267 15.79 -5.63 -13.24
CA LYS B 267 15.68 -6.26 -14.56
C LYS B 267 14.43 -7.12 -14.59
N PHE B 268 13.34 -6.55 -15.09
CA PHE B 268 12.07 -7.26 -15.14
C PHE B 268 12.04 -8.18 -16.35
N PRO B 269 11.37 -9.34 -16.24
CA PRO B 269 11.28 -10.26 -17.38
C PRO B 269 10.66 -9.57 -18.59
N GLN B 270 11.30 -9.74 -19.74
CA GLN B 270 10.85 -9.10 -20.97
C GLN B 270 9.70 -9.91 -21.59
N ILE B 271 8.60 -9.22 -21.87
CA ILE B 271 7.41 -9.82 -22.47
C ILE B 271 6.91 -8.90 -23.56
N LYS B 272 6.51 -9.48 -24.70
CA LYS B 272 6.09 -8.70 -25.85
C LYS B 272 4.69 -8.12 -25.63
N ALA B 273 4.36 -7.09 -26.42
CA ALA B 273 3.06 -6.42 -26.23
C ALA B 273 2.00 -7.06 -27.14
N HIS B 274 0.82 -7.30 -26.60
CA HIS B 274 -0.28 -7.87 -27.41
C HIS B 274 -0.78 -6.80 -28.38
N PRO B 275 -0.72 -7.01 -29.72
CA PRO B 275 -1.26 -6.05 -30.68
C PRO B 275 -2.64 -5.54 -30.29
N TRP B 276 -2.81 -4.23 -30.20
CA TRP B 276 -4.11 -3.63 -29.78
C TRP B 276 -5.22 -4.10 -30.71
N THR B 277 -4.96 -4.08 -32.01
CA THR B 277 -6.00 -4.50 -32.98
C THR B 277 -6.55 -5.86 -32.55
N LYS B 278 -5.67 -6.74 -32.07
CA LYS B 278 -6.11 -8.06 -31.66
C LYS B 278 -6.69 -8.09 -30.25
N VAL B 279 -6.54 -7.01 -29.48
CA VAL B 279 -7.09 -6.89 -28.09
C VAL B 279 -8.60 -6.71 -28.14
N PHE B 280 -9.14 -5.99 -29.13
CA PHE B 280 -10.55 -5.66 -29.20
C PHE B 280 -11.26 -6.54 -30.22
N ARG B 281 -12.59 -6.58 -30.08
CA ARG B 281 -13.43 -7.41 -30.96
C ARG B 281 -13.15 -7.05 -32.42
N PRO B 282 -13.42 -7.94 -33.39
CA PRO B 282 -13.02 -7.69 -34.78
C PRO B 282 -13.75 -6.53 -35.44
N ARG B 283 -14.97 -6.22 -35.01
CA ARG B 283 -15.76 -5.15 -35.59
C ARG B 283 -15.67 -3.86 -34.77
N THR B 284 -14.54 -3.63 -34.09
CA THR B 284 -14.35 -2.40 -33.33
C THR B 284 -13.73 -1.33 -34.23
N PRO B 285 -14.20 -0.10 -34.12
CA PRO B 285 -13.72 0.99 -35.00
C PRO B 285 -12.21 1.14 -34.89
N PRO B 286 -11.51 1.19 -36.03
CA PRO B 286 -10.05 1.37 -35.97
C PRO B 286 -9.61 2.62 -35.21
N GLU B 287 -10.44 3.67 -35.21
CA GLU B 287 -10.06 4.89 -34.53
C GLU B 287 -10.29 4.81 -33.03
N ALA B 288 -11.28 4.01 -32.59
CA ALA B 288 -11.44 3.77 -31.17
C ALA B 288 -10.25 3.00 -30.61
N ILE B 289 -9.68 2.10 -31.41
CA ILE B 289 -8.48 1.39 -31.01
C ILE B 289 -7.28 2.32 -31.03
N ALA B 290 -7.24 3.25 -32.00
CA ALA B 290 -6.14 4.20 -32.07
C ALA B 290 -6.14 5.14 -30.87
N LEU B 291 -7.32 5.56 -30.41
CA LEU B 291 -7.38 6.46 -29.26
C LEU B 291 -6.95 5.75 -27.99
N CYS B 292 -7.39 4.51 -27.79
CA CYS B 292 -6.99 3.75 -26.61
C CYS B 292 -5.47 3.61 -26.52
N SER B 293 -4.85 3.23 -27.63
CA SER B 293 -3.39 3.10 -27.66
C SER B 293 -2.68 4.40 -27.34
N ARG B 294 -3.33 5.54 -27.55
CA ARG B 294 -2.76 6.83 -27.22
C ARG B 294 -3.10 7.28 -25.80
N LEU B 295 -4.03 6.61 -25.13
CA LEU B 295 -4.38 6.90 -23.75
C LEU B 295 -3.73 5.92 -22.78
N LEU B 296 -3.77 4.62 -23.08
CA LEU B 296 -3.20 3.59 -22.23
C LEU B 296 -1.72 3.43 -22.61
N GLU B 297 -0.90 4.32 -22.07
CA GLU B 297 0.53 4.35 -22.35
C GLU B 297 1.30 4.36 -21.04
N TYR B 298 2.45 3.68 -21.04
CA TYR B 298 3.27 3.62 -19.83
C TYR B 298 3.81 5.00 -19.48
N THR B 299 4.37 5.69 -20.46
CA THR B 299 4.94 7.02 -20.24
C THR B 299 3.84 8.04 -20.03
N PRO B 300 3.71 8.63 -18.83
CA PRO B 300 2.58 9.55 -18.59
C PRO B 300 2.56 10.76 -19.51
N THR B 301 3.73 11.26 -19.93
CA THR B 301 3.77 12.40 -20.83
C THR B 301 3.38 12.03 -22.24
N ALA B 302 3.44 10.76 -22.61
CA ALA B 302 3.03 10.31 -23.93
C ALA B 302 1.53 10.13 -24.05
N ARG B 303 0.79 10.18 -22.95
CA ARG B 303 -0.66 10.08 -23.00
C ARG B 303 -1.25 11.42 -23.45
N LEU B 304 -2.30 11.35 -24.25
CA LEU B 304 -2.95 12.54 -24.74
C LEU B 304 -3.52 13.36 -23.60
N THR B 305 -3.66 14.67 -23.84
CA THR B 305 -4.37 15.52 -22.91
C THR B 305 -5.86 15.42 -23.18
N PRO B 306 -6.71 15.73 -22.18
CA PRO B 306 -8.16 15.60 -22.39
C PRO B 306 -8.69 16.36 -23.61
N LEU B 307 -8.09 17.51 -23.94
CA LEU B 307 -8.53 18.23 -25.14
C LEU B 307 -7.99 17.58 -26.40
N GLU B 308 -6.75 17.09 -26.37
CA GLU B 308 -6.24 16.30 -27.49
C GLU B 308 -7.08 15.06 -27.74
N ALA B 309 -7.66 14.49 -26.68
CA ALA B 309 -8.55 13.34 -26.84
C ALA B 309 -9.86 13.77 -27.48
N CYS B 310 -10.43 14.90 -27.02
CA CYS B 310 -11.68 15.39 -27.60
C CYS B 310 -11.55 15.64 -29.09
N ALA B 311 -10.36 16.01 -29.55
CA ALA B 311 -10.12 16.31 -30.96
C ALA B 311 -9.73 15.08 -31.78
N HIS B 312 -9.74 13.89 -31.18
CA HIS B 312 -9.36 12.69 -31.90
C HIS B 312 -10.40 12.36 -32.97
N SER B 313 -10.00 11.51 -33.92
CA SER B 313 -10.88 11.14 -35.02
C SER B 313 -12.06 10.30 -34.53
N PHE B 314 -11.90 9.60 -33.41
CA PHE B 314 -12.98 8.78 -32.88
C PHE B 314 -14.24 9.59 -32.59
N PHE B 315 -14.09 10.88 -32.31
CA PHE B 315 -15.21 11.74 -31.96
C PHE B 315 -15.69 12.58 -33.14
N ASP B 316 -15.23 12.28 -34.36
CA ASP B 316 -15.61 13.08 -35.52
C ASP B 316 -17.11 12.98 -35.80
N GLU B 317 -17.72 11.84 -35.50
CA GLU B 317 -19.15 11.68 -35.72
C GLU B 317 -19.96 12.69 -34.90
N LEU B 318 -19.49 12.98 -33.68
CA LEU B 318 -20.16 13.96 -32.84
C LEU B 318 -20.13 15.35 -33.46
N ARG B 319 -19.22 15.59 -34.39
CA ARG B 319 -19.09 16.87 -35.08
C ARG B 319 -19.82 16.91 -36.41
N ASP B 320 -20.48 15.81 -36.79
CA ASP B 320 -21.31 15.81 -37.99
C ASP B 320 -22.57 16.63 -37.72
N PRO B 321 -22.99 17.48 -38.67
CA PRO B 321 -24.18 18.31 -38.41
C PRO B 321 -25.47 17.51 -38.26
N ASN B 322 -25.61 16.38 -38.95
CA ASN B 322 -26.81 15.57 -38.86
C ASN B 322 -26.75 14.54 -37.73
N VAL B 323 -25.75 14.62 -36.86
CA VAL B 323 -25.67 13.65 -35.77
C VAL B 323 -26.85 13.82 -34.84
N LYS B 324 -27.36 12.71 -34.33
CA LYS B 324 -28.57 12.71 -33.52
C LYS B 324 -28.54 11.49 -32.60
N LEU B 325 -29.13 11.64 -31.42
CA LEU B 325 -29.29 10.50 -30.54
C LEU B 325 -30.15 9.45 -31.24
N PRO B 326 -29.88 8.16 -31.00
CA PRO B 326 -30.74 7.13 -31.59
C PRO B 326 -32.18 7.20 -31.13
N ASN B 327 -32.42 7.79 -29.95
CA ASN B 327 -33.76 7.98 -29.43
C ASN B 327 -34.46 9.21 -30.00
N GLY B 328 -33.87 9.88 -30.99
CA GLY B 328 -34.52 10.98 -31.67
C GLY B 328 -34.05 12.36 -31.27
N ARG B 329 -33.74 12.54 -29.98
CA ARG B 329 -33.37 13.86 -29.48
C ARG B 329 -32.04 14.32 -30.06
N ASP B 330 -31.83 15.64 -30.05
CA ASP B 330 -30.56 16.20 -30.47
C ASP B 330 -29.45 15.75 -29.53
N THR B 331 -28.23 15.73 -30.06
CA THR B 331 -27.08 15.48 -29.20
C THR B 331 -26.96 16.62 -28.18
N PRO B 332 -26.55 16.32 -26.95
CA PRO B 332 -26.42 17.39 -25.96
C PRO B 332 -25.31 18.37 -26.30
N ALA B 333 -25.09 19.36 -25.44
CA ALA B 333 -24.04 20.35 -25.69
C ALA B 333 -22.68 19.69 -25.73
N LEU B 334 -21.99 19.83 -26.87
CA LEU B 334 -20.65 19.29 -27.05
C LEU B 334 -19.61 20.32 -27.44
N PHE B 335 -20.02 21.43 -28.06
CA PHE B 335 -19.09 22.46 -28.50
C PHE B 335 -19.46 23.83 -27.94
N ASN B 336 -20.27 23.88 -26.89
CA ASN B 336 -20.52 25.12 -26.17
C ASN B 336 -19.29 25.53 -25.38
N PHE B 337 -18.13 25.47 -26.04
CA PHE B 337 -16.86 25.76 -25.39
C PHE B 337 -16.78 27.24 -25.01
N THR B 338 -16.10 27.51 -23.91
CA THR B 338 -15.74 28.86 -23.52
C THR B 338 -14.29 29.12 -23.91
N THR B 339 -13.97 30.38 -24.18
CA THR B 339 -12.59 30.75 -24.48
C THR B 339 -11.66 30.41 -23.32
N GLN B 340 -12.22 30.10 -22.17
CA GLN B 340 -11.38 29.68 -21.02
C GLN B 340 -11.02 28.22 -21.25
N GLU B 341 -11.98 27.43 -21.68
CA GLU B 341 -11.72 26.01 -21.93
C GLU B 341 -10.65 25.84 -23.00
N LEU B 342 -10.82 26.52 -24.14
CA LEU B 342 -9.88 26.43 -25.25
C LEU B 342 -8.64 27.28 -25.06
N SER B 343 -8.50 27.94 -23.90
CA SER B 343 -7.34 28.80 -23.67
C SER B 343 -6.04 28.02 -23.83
N SER B 344 -5.94 26.87 -23.16
CA SER B 344 -4.83 25.97 -23.44
C SER B 344 -5.04 25.30 -24.79
N ASN B 345 -3.97 25.25 -25.59
CA ASN B 345 -4.05 24.70 -26.97
C ASN B 345 -5.08 25.47 -27.80
N PRO B 346 -4.91 26.79 -28.05
CA PRO B 346 -5.85 27.51 -28.92
C PRO B 346 -6.00 26.87 -30.29
N PRO B 347 -4.91 26.40 -30.94
CA PRO B 347 -5.07 25.85 -32.30
C PRO B 347 -6.02 24.67 -32.39
N LEU B 348 -6.28 23.96 -31.29
CA LEU B 348 -7.19 22.82 -31.34
C LEU B 348 -8.63 23.23 -31.63
N ALA B 349 -8.96 24.52 -31.49
CA ALA B 349 -10.34 24.96 -31.66
C ALA B 349 -10.82 24.77 -33.09
N THR B 350 -9.91 24.82 -34.07
CA THR B 350 -10.29 24.54 -35.45
C THR B 350 -10.74 23.10 -35.64
N ILE B 351 -10.28 22.19 -34.78
CA ILE B 351 -10.71 20.79 -34.83
C ILE B 351 -11.88 20.55 -33.88
N LEU B 352 -11.85 21.18 -32.71
CA LEU B 352 -12.87 20.91 -31.70
C LEU B 352 -14.21 21.53 -32.07
N ILE B 353 -14.21 22.76 -32.57
CA ILE B 353 -15.42 23.43 -33.01
C ILE B 353 -15.69 23.01 -34.46
N PRO B 354 -16.79 22.32 -34.74
CA PRO B 354 -17.04 21.81 -36.09
C PRO B 354 -17.13 22.95 -37.11
N PRO B 355 -17.08 22.64 -38.42
CA PRO B 355 -17.11 23.69 -39.44
C PRO B 355 -18.27 24.67 -39.32
N HIS B 356 -19.28 24.30 -38.54
CA HIS B 356 -20.42 25.22 -38.29
C HIS B 356 -20.00 26.23 -37.23
N ALA B 357 -18.71 26.58 -37.21
CA ALA B 357 -18.18 27.59 -36.29
C ALA B 357 -18.45 28.99 -36.82
C1 3NG C . 9.20 -16.96 23.03
C2 3NG C . 8.80 -17.96 22.16
C3 3NG C . 7.70 -17.73 21.31
C4 3NG C . 7.05 -16.52 21.36
C5 3NG C . 7.47 -15.53 22.25
C6 3NG C . 8.54 -15.72 23.09
C7 3NG C . 10.60 -19.32 23.04
C8 3NG C . 9.53 -19.19 22.16
N9 3NG C . 10.28 -17.06 23.93
C10 3NG C . 10.93 -18.23 23.90
C11 3NG C . 10.94 -21.53 22.21
N12 3NG C . 9.90 -21.43 21.34
C13 3NG C . 9.22 -20.28 21.33
C14 3NG C . 11.33 -20.53 23.06
N15 3NG C . 12.01 -18.41 24.76
C16 3NG C . 12.51 -17.61 25.76
C17 3NG C . 11.73 -16.73 26.53
C18 3NG C . 12.39 -15.99 27.49
C19 3NG C . 13.74 -16.08 27.73
C20 3NG C . 14.49 -16.95 26.97
C21 3NG C . 13.89 -17.71 25.99
CL22 3NG C . 11.48 -14.90 28.46
C23 3NG C . 6.77 -14.18 22.33
O24 3NG C . 6.00 -13.89 21.42
O25 3NG C . 7.07 -13.51 23.35
N1 IMD D . 1.74 -23.34 34.33
C2 IMD D . 1.27 -23.85 33.17
N3 IMD D . 0.38 -22.98 32.64
C4 IMD D . 0.29 -21.92 33.47
C5 IMD D . 1.15 -22.15 34.54
Y YT3 E . 9.85 -7.12 25.12
Y YT3 F . 30.67 4.39 24.60
C1 3NG G . -23.69 10.94 -6.09
C2 3NG G . -24.49 11.81 -6.84
C3 3NG G . -24.03 13.12 -7.06
C4 3NG G . -22.84 13.51 -6.53
C5 3NG G . -22.05 12.62 -5.79
C6 3NG G . -22.45 11.34 -5.56
C7 3NG G . -26.07 9.99 -7.07
C8 3NG G . -25.72 11.30 -7.34
N9 3NG G . -24.01 9.60 -5.80
C10 3NG G . -25.17 9.19 -6.29
C11 3NG G . -28.09 10.30 -8.29
N12 3NG G . -27.77 11.61 -8.57
C13 3NG G . -26.62 12.08 -8.10
C14 3NG G . -27.29 9.47 -7.55
N15 3NG G . -25.58 7.87 -6.06
C16 3NG G . -25.01 6.88 -5.26
C17 3NG G . -24.12 7.15 -4.19
C18 3NG G . -23.65 6.04 -3.51
C19 3NG G . -24.01 4.74 -3.79
C20 3NG G . -24.90 4.51 -4.85
C21 3NG G . -25.39 5.58 -5.57
CL22 3NG G . -22.57 6.30 -2.23
C23 3NG G . -20.70 13.03 -5.19
O24 3NG G . -20.14 12.14 -4.50
O25 3NG G . -20.29 14.17 -5.43
Y YT3 H . -14.20 7.96 -3.72
Y YT3 I . -5.44 -12.58 -13.22
#